data_8WCB
#
_entry.id   8WCB
#
loop_
_entity.id
_entity.type
_entity.pdbx_description
1 polymer 'Engineered G-alpha-q subunit'
2 polymer 'Guanine nucleotide-binding protein G(I)/G(S)/G(T) subunit beta-1'
3 polymer 'Trace amine-associated receptor 1'
4 polymer scFv16
5 polymer 'Guanine nucleotide-binding protein G(I)/G(S)/G(O) subunit gamma-2'
6 non-polymer 'CYCLOHEXYLAMMONIUM ION'
#
loop_
_entity_poly.entity_id
_entity_poly.type
_entity_poly.pdbx_seq_one_letter_code
_entity_poly.pdbx_strand_id
1 'polypeptide(L)'
;MGCTLSAEDKAAVERSKMIEKQLQKDKQVYRRTLRLLLLGADNSGKSTIVKQMRIYHVNGYSEEECKQYKAVVYSNTIQS
IIAIIRAMGRLKIDFGDSARADDARQLFVLAGAAEEGFMTAELAGVIKRLWKDSGVQACFNRSREYQLNDSAAYYLNDLD
RIAQPNYIPTQQDVLRTRVKTSGIFETKFQVDKVNFHMFDVGAQRDERRKWIQCFNDVTAIIFVVDSSDYNRLQEALNDF
KSIWNNRWLRTISVILFLNKQDLLAEKVLAGKSKIEDYFPEFARYTTPEDATPEPGEDPRVTRAKYFIRKEFVDISTASG
DGRHICYPHFTCAVDTENARRIFNDCKDIILQMNLREYNLV
;
A
2 'polypeptide(L)'
;MGSLLQSELDQLRQEAEQLKNQIRDARKACADATLSQITNNIDPVGRIQMRTRRTLRGHLAKIYAMHWGTDSRLLVSASQ
DGKLIIWDSYTTNKVHAIPLRSSWVMTCAYAPSGNYVACGGLDNICSIYNLKTREGNVRVSRELAGHTGYLSCCRFLDDN
QIVTSSGDTTCALWDIETGQQTTTFTGHTGDVMSLSLAPDTRLFVSGACDASAKLWDVREGMCRQTFTGHESDINAICFF
PNGNAFATGSDDATCRLFDLRADQELMTYSHDNIICGITSVSFSKSGRLLLAGYDDFNCNVWDALKADRAGVLAGHDNRV
SCLGVTDDGMAVATGSWDSFLKIWN
;
B
3 'polypeptide(L)'
;MHLCHAITNISHRNSDWSREVQASLYSLMSLIILATLVGNLIVIISISHFKQLHTPTNWLLHSMAIVDFLLGCLIMPCSM
VRTVERCWYFGEILCKVHTSTDIMLSSASIFHLAFISIDRYCAVCDPLRYKAKINISTILVMILVSWSLPAVYAFGMIFL
ELNLKGVEELYRSQVSDLGGCSPFFSKVSGVLAFMTSFYIPGSVMLFVYYRIYFIAKGQARSINRTNVQVGLEGKSQAPQ
SKETKAAKTLGIMVGVFLVCWCPFFLCTVLDPFLGYVIPPSLNDALYWFGYLNSALNPMVYAFFYPWFRRALKMVLLGKI
FQKDSSRSKLFL
;
R
4 'polypeptide(L)'
;MLLVNQSHQGFNKEHTSKMVSAIVLYVLLAAAAHSAFAVQLVESGGGLVQPGGSRKLSCSASGFAFSSFGMHWVRQAPEK
GLEWVAYISSGSGTIYYADTVKGRFTISRDDPKNTLFLQMTSLRSEDTAMYYCVRSIYYYGSSPFDFWGQGTTLTVSAGG
GGSGGGGSGGGGSADIVMTQATSSVPVTPGESVSISCRSSKSLLHSNGNTYLYWFLQRPGQSPQLLIYRMSNLASGVPDR
FSGSGSGTAFTLTISRLEAEDVGVYYCMQHLEYPLTFGAGTKLEL
;
S
5 'polypeptide(L)' MASNNTASIAQARKLVEQLKMEANIDRIKVSKAAADLMAYCEAHAKEDPLLTPVPASENPFREKKFFCAIL Y
#
loop_
_chem_comp.id
_chem_comp.type
_chem_comp.name
_chem_comp.formula
HAI non-polymer 'CYCLOHEXYLAMMONIUM ION' 'C6 H14 N 1'
#
# COMPACT_ATOMS: atom_id res chain seq x y z
N GLU A 8 -5.79 -16.87 19.97
CA GLU A 8 -4.37 -16.66 20.24
C GLU A 8 -3.75 -15.73 19.22
N ASP A 9 -2.63 -16.17 18.62
CA ASP A 9 -2.00 -15.40 17.55
C ASP A 9 -2.86 -15.45 16.29
N LYS A 10 -3.56 -16.57 16.08
CA LYS A 10 -4.42 -16.74 14.90
C LYS A 10 -5.45 -15.62 14.78
N ALA A 11 -5.90 -15.09 15.91
CA ALA A 11 -6.84 -13.97 15.87
C ALA A 11 -6.18 -12.71 15.31
N ALA A 12 -4.88 -12.52 15.58
CA ALA A 12 -4.17 -11.42 14.96
C ALA A 12 -4.10 -11.60 13.44
N VAL A 13 -3.91 -12.84 12.98
CA VAL A 13 -3.91 -13.11 11.55
C VAL A 13 -5.28 -12.82 10.95
N GLU A 14 -6.35 -13.17 11.67
CA GLU A 14 -7.70 -12.86 11.19
C GLU A 14 -7.91 -11.36 11.12
N ARG A 15 -7.40 -10.61 12.11
CA ARG A 15 -7.49 -9.16 12.06
C ARG A 15 -6.74 -8.58 10.87
N SER A 16 -5.55 -9.10 10.59
CA SER A 16 -4.79 -8.65 9.44
C SER A 16 -5.53 -8.95 8.14
N LYS A 17 -6.13 -10.14 8.05
CA LYS A 17 -6.91 -10.48 6.85
C LYS A 17 -8.12 -9.58 6.70
N MET A 18 -8.79 -9.26 7.80
CA MET A 18 -9.96 -8.39 7.74
C MET A 18 -9.58 -6.95 7.45
N ILE A 19 -8.34 -6.56 7.73
CA ILE A 19 -7.87 -5.23 7.35
C ILE A 19 -7.49 -5.21 5.87
N GLU A 20 -6.83 -6.27 5.40
CA GLU A 20 -6.56 -6.39 3.97
C GLU A 20 -7.85 -6.45 3.16
N LYS A 21 -8.92 -7.00 3.75
CA LYS A 21 -10.22 -6.98 3.07
C LYS A 21 -10.68 -5.55 2.81
N GLN A 22 -10.56 -4.68 3.80
CA GLN A 22 -10.94 -3.27 3.61
C GLN A 22 -9.98 -2.58 2.65
N LEU A 23 -8.70 -2.94 2.70
CA LEU A 23 -7.73 -2.36 1.77
C LEU A 23 -8.08 -2.70 0.33
N GLN A 24 -8.50 -3.94 0.08
CA GLN A 24 -8.91 -4.33 -1.27
C GLN A 24 -10.18 -3.60 -1.71
N LYS A 25 -11.16 -3.43 -0.82
CA LYS A 25 -12.37 -2.69 -1.15
C LYS A 25 -12.12 -1.20 -1.33
N ASP A 26 -11.03 -0.68 -0.77
CA ASP A 26 -10.60 0.69 -1.05
C ASP A 26 -9.69 0.80 -2.27
N LYS A 27 -9.10 -0.30 -2.75
CA LYS A 27 -8.33 -0.26 -3.98
C LYS A 27 -9.24 -0.05 -5.18
N GLN A 28 -10.45 -0.60 -5.12
CA GLN A 28 -11.41 -0.41 -6.20
C GLN A 28 -11.85 1.04 -6.35
N VAL A 29 -11.84 1.81 -5.25
CA VAL A 29 -12.16 3.23 -5.32
C VAL A 29 -10.96 4.08 -5.74
N TYR A 30 -9.74 3.63 -5.45
CA TYR A 30 -8.54 4.35 -5.85
C TYR A 30 -8.24 4.22 -7.33
N ARG A 31 -8.79 3.21 -7.98
CA ARG A 31 -8.55 2.98 -9.40
C ARG A 31 -9.56 3.72 -10.25
N ARG A 32 -10.84 3.64 -9.91
CA ARG A 32 -11.81 4.30 -10.64
C ARG A 32 -11.49 5.76 -10.68
N THR A 33 -11.39 6.50 -9.59
CA THR A 33 -11.24 7.95 -9.58
C THR A 33 -9.99 8.36 -10.36
N LEU A 34 -10.12 9.43 -11.13
CA LEU A 34 -9.04 9.97 -11.94
C LEU A 34 -8.50 11.22 -11.25
N ARG A 35 -7.20 11.20 -10.98
CA ARG A 35 -6.57 12.31 -10.29
C ARG A 35 -6.06 13.35 -11.25
N LEU A 36 -6.31 14.61 -10.97
CA LEU A 36 -5.83 15.71 -11.79
C LEU A 36 -5.16 16.73 -10.89
N LEU A 37 -4.14 17.42 -11.41
CA LEU A 37 -3.45 18.45 -10.65
C LEU A 37 -3.64 19.79 -11.34
N LEU A 38 -4.12 20.77 -10.60
CA LEU A 38 -4.34 22.11 -11.16
C LEU A 38 -3.13 22.98 -10.83
N LEU A 39 -2.52 23.54 -11.88
CA LEU A 39 -1.33 24.38 -11.69
C LEU A 39 -1.48 25.72 -12.38
N GLY A 40 -2.59 26.41 -12.16
CA GLY A 40 -2.80 27.72 -12.70
C GLY A 40 -1.81 28.73 -12.16
N ALA A 41 -1.78 29.89 -12.83
CA ALA A 41 -0.85 30.96 -12.46
C ALA A 41 -1.44 31.77 -11.31
N ASP A 42 -0.72 32.79 -10.87
CA ASP A 42 -1.18 33.62 -9.76
C ASP A 42 -2.38 34.47 -10.17
N ASN A 43 -2.29 35.13 -11.33
CA ASN A 43 -3.38 35.97 -11.81
C ASN A 43 -4.40 35.22 -12.65
N SER A 44 -4.10 33.98 -13.03
CA SER A 44 -4.99 33.23 -13.91
C SER A 44 -6.30 32.90 -13.20
N GLY A 45 -7.36 32.70 -13.99
CA GLY A 45 -8.66 32.45 -13.43
C GLY A 45 -8.92 31.00 -13.07
N LYS A 46 -7.92 30.34 -12.47
CA LYS A 46 -8.12 28.99 -11.96
C LYS A 46 -9.12 28.94 -10.82
N SER A 47 -9.19 29.99 -10.00
CA SER A 47 -10.25 30.07 -9.01
C SER A 47 -11.61 30.13 -9.67
N THR A 48 -11.70 30.80 -10.83
CA THR A 48 -12.96 30.86 -11.56
C THR A 48 -13.35 29.47 -12.07
N ILE A 49 -12.40 28.71 -12.61
CA ILE A 49 -12.74 27.41 -13.18
C ILE A 49 -13.06 26.41 -12.08
N VAL A 50 -12.42 26.50 -10.92
CA VAL A 50 -12.79 25.63 -9.81
C VAL A 50 -14.05 26.09 -9.10
N LYS A 51 -14.46 27.35 -9.26
CA LYS A 51 -15.73 27.80 -8.72
C LYS A 51 -16.89 27.09 -9.40
N GLN A 52 -16.81 26.92 -10.72
CA GLN A 52 -17.84 26.21 -11.48
C GLN A 52 -17.56 24.72 -11.37
N MET A 53 -17.82 24.17 -10.19
CA MET A 53 -17.61 22.75 -9.93
C MET A 53 -18.89 21.95 -9.88
N ARG A 54 -20.05 22.59 -10.00
CA ARG A 54 -21.33 21.90 -9.98
C ARG A 54 -21.56 21.24 -11.33
N ILE A 55 -21.21 19.96 -11.42
CA ILE A 55 -21.38 19.21 -12.66
C ILE A 55 -21.47 17.72 -12.38
N THR A 181 -4.86 29.01 5.27
CA THR A 181 -3.51 28.56 5.58
C THR A 181 -3.34 27.08 5.30
N SER A 182 -4.35 26.48 4.67
CA SER A 182 -4.33 25.06 4.36
C SER A 182 -3.38 24.79 3.18
N GLY A 183 -3.34 23.54 2.75
CA GLY A 183 -2.48 23.15 1.64
C GLY A 183 -3.25 22.83 0.39
N ILE A 184 -3.37 21.54 0.06
CA ILE A 184 -4.10 21.14 -1.14
C ILE A 184 -5.59 21.41 -0.93
N PHE A 185 -6.19 22.11 -1.90
CA PHE A 185 -7.62 22.37 -1.89
C PHE A 185 -8.28 21.41 -2.89
N GLU A 186 -8.51 20.18 -2.42
CA GLU A 186 -9.07 19.15 -3.28
C GLU A 186 -10.52 19.45 -3.62
N THR A 187 -10.91 19.10 -4.85
CA THR A 187 -12.28 19.27 -5.32
C THR A 187 -12.68 18.02 -6.08
N LYS A 188 -13.74 17.36 -5.66
CA LYS A 188 -14.21 16.13 -6.30
C LYS A 188 -15.47 16.44 -7.11
N PHE A 189 -15.48 15.99 -8.36
CA PHE A 189 -16.65 16.14 -9.22
C PHE A 189 -16.81 14.90 -10.07
N GLN A 190 -17.89 14.84 -10.83
CA GLN A 190 -18.00 13.73 -11.77
C GLN A 190 -18.65 14.04 -13.10
N VAL A 191 -17.85 14.01 -14.16
CA VAL A 191 -18.42 14.20 -15.48
C VAL A 191 -19.06 12.86 -15.75
N ASP A 192 -20.36 12.85 -16.10
CA ASP A 192 -21.14 11.60 -16.24
C ASP A 192 -20.91 10.68 -15.05
N LYS A 193 -20.58 9.41 -15.29
CA LYS A 193 -20.43 8.56 -14.14
C LYS A 193 -18.96 8.30 -13.85
N VAL A 194 -18.11 9.26 -14.19
CA VAL A 194 -16.69 9.13 -13.96
C VAL A 194 -16.27 10.21 -12.97
N ASN A 195 -15.55 9.81 -11.93
CA ASN A 195 -15.21 10.72 -10.83
C ASN A 195 -13.79 11.24 -11.02
N PHE A 196 -13.65 12.56 -11.06
CA PHE A 196 -12.38 13.25 -11.10
C PHE A 196 -12.13 13.98 -9.79
N HIS A 197 -10.87 13.93 -9.34
CA HIS A 197 -10.44 14.63 -8.13
C HIS A 197 -9.34 15.60 -8.55
N MET A 198 -9.67 16.89 -8.53
CA MET A 198 -8.72 17.95 -8.90
C MET A 198 -8.05 18.49 -7.65
N PHE A 199 -6.73 18.44 -7.62
CA PHE A 199 -5.95 18.91 -6.49
C PHE A 199 -5.43 20.30 -6.84
N ASP A 200 -6.00 21.31 -6.18
CA ASP A 200 -5.53 22.67 -6.26
C ASP A 200 -4.51 22.92 -5.16
N VAL A 201 -3.74 24.00 -5.32
CA VAL A 201 -2.62 24.30 -4.43
C VAL A 201 -2.91 25.61 -3.70
N GLY A 202 -2.75 25.59 -2.38
CA GLY A 202 -3.07 26.72 -1.55
C GLY A 202 -1.87 27.55 -1.13
N ALA A 203 -1.39 27.34 0.09
CA ALA A 203 -0.34 28.15 0.68
C ALA A 203 1.04 27.48 0.57
N GLN A 204 1.30 26.77 -0.52
CA GLN A 204 2.59 26.10 -0.71
C GLN A 204 3.65 27.08 -1.23
N ASP A 206 6.16 29.95 -2.63
CA ASP A 206 6.39 30.41 -3.99
C ASP A 206 7.28 29.47 -4.81
N GLU A 207 7.62 28.29 -4.28
CA GLU A 207 8.46 27.34 -5.00
C GLU A 207 7.75 26.01 -5.12
N ARG A 208 7.84 25.41 -6.30
CA ARG A 208 7.17 24.13 -6.58
C ARG A 208 8.16 23.06 -7.03
N ARG A 209 9.46 23.28 -6.84
CA ARG A 209 10.45 22.31 -7.31
C ARG A 209 10.44 21.02 -6.51
N LYS A 210 9.74 20.98 -5.38
CA LYS A 210 9.79 19.81 -4.51
C LYS A 210 8.43 19.17 -4.27
N TRP A 211 7.37 19.94 -4.12
CA TRP A 211 6.06 19.32 -3.92
C TRP A 211 5.37 18.95 -5.22
N ILE A 212 6.02 19.01 -6.35
CA ILE A 212 5.39 18.63 -7.58
C ILE A 212 5.60 17.20 -7.72
N GLN A 213 6.72 16.68 -7.33
CA GLN A 213 7.00 15.27 -7.57
C GLN A 213 5.98 14.37 -6.90
N CYS A 214 5.23 14.88 -5.92
CA CYS A 214 4.19 14.09 -5.27
C CYS A 214 3.06 13.73 -6.21
N PHE A 215 2.87 14.49 -7.30
CA PHE A 215 1.78 14.29 -8.24
C PHE A 215 2.23 13.49 -9.46
N ASN A 216 3.12 12.53 -9.27
CA ASN A 216 3.56 11.70 -10.38
C ASN A 216 2.44 10.80 -10.89
N ASP A 217 1.48 10.47 -10.02
CA ASP A 217 0.43 9.52 -10.35
C ASP A 217 -0.86 10.16 -10.86
N VAL A 218 -0.92 11.49 -10.95
CA VAL A 218 -2.15 12.15 -11.49
C VAL A 218 -2.36 11.86 -12.95
N THR A 219 -3.62 11.83 -13.35
CA THR A 219 -3.96 11.59 -14.74
C THR A 219 -3.41 12.70 -15.64
N ALA A 220 -3.56 13.95 -15.22
CA ALA A 220 -3.17 15.07 -16.06
C ALA A 220 -2.92 16.31 -15.21
N ILE A 221 -2.08 17.18 -15.75
CA ILE A 221 -1.90 18.54 -15.25
C ILE A 221 -2.93 19.41 -15.95
N ILE A 222 -3.33 20.50 -15.31
CA ILE A 222 -4.28 21.45 -15.87
C ILE A 222 -3.74 22.85 -15.64
N PHE A 223 -3.18 23.46 -16.66
CA PHE A 223 -2.76 24.85 -16.58
C PHE A 223 -3.91 25.78 -16.88
N VAL A 224 -3.90 26.95 -16.24
CA VAL A 224 -4.80 28.05 -16.54
C VAL A 224 -3.94 29.28 -16.80
N VAL A 225 -4.19 29.95 -17.92
CA VAL A 225 -3.37 31.08 -18.35
C VAL A 225 -4.27 32.21 -18.79
N ASP A 226 -3.93 33.43 -18.38
CA ASP A 226 -4.53 34.66 -18.93
C ASP A 226 -3.63 35.13 -20.06
N SER A 227 -4.15 35.10 -21.28
CA SER A 227 -3.39 35.50 -22.45
C SER A 227 -3.80 36.90 -22.91
N ASN A 231 3.50 42.70 -19.22
CA ASN A 231 2.93 41.45 -19.73
C ASN A 231 3.33 40.27 -18.86
N ARG A 232 2.34 39.66 -18.22
CA ARG A 232 2.57 38.51 -17.36
C ARG A 232 2.41 37.18 -18.09
N LEU A 233 2.09 37.23 -19.39
CA LEU A 233 1.93 36.00 -20.17
C LEU A 233 3.25 35.27 -20.38
N GLN A 234 4.38 36.00 -20.44
CA GLN A 234 5.67 35.36 -20.60
C GLN A 234 6.04 34.49 -19.41
N GLU A 235 5.71 34.91 -18.19
CA GLU A 235 5.94 34.06 -17.02
C GLU A 235 5.17 32.76 -17.11
N ALA A 236 3.93 32.82 -17.65
CA ALA A 236 3.18 31.60 -17.88
C ALA A 236 3.89 30.68 -18.86
N LEU A 237 4.45 31.24 -19.93
CA LEU A 237 5.22 30.43 -20.86
C LEU A 237 6.43 29.81 -20.16
N ASN A 238 7.13 30.58 -19.33
CA ASN A 238 8.33 30.06 -18.67
C ASN A 238 8.00 28.92 -17.72
N ASP A 239 7.02 29.10 -16.83
CA ASP A 239 6.75 28.02 -15.88
C ASP A 239 6.05 26.85 -16.55
N PHE A 240 5.29 27.12 -17.62
CA PHE A 240 4.73 26.05 -18.43
C PHE A 240 5.82 25.18 -19.04
N LYS A 241 6.84 25.82 -19.62
CA LYS A 241 7.97 25.08 -20.18
C LYS A 241 8.75 24.35 -19.09
N SER A 242 8.90 24.96 -17.91
CA SER A 242 9.63 24.30 -16.84
C SER A 242 8.91 23.06 -16.33
N ILE A 243 7.57 23.08 -16.29
CA ILE A 243 6.78 21.89 -15.88
C ILE A 243 7.03 20.80 -16.89
N TRP A 244 7.00 21.15 -18.16
CA TRP A 244 7.44 20.21 -19.18
C TRP A 244 8.92 19.88 -19.02
N ASN A 245 9.29 18.70 -19.53
CA ASN A 245 10.67 18.23 -19.52
C ASN A 245 11.24 18.17 -18.10
N ASN A 246 10.41 17.75 -17.15
CA ASN A 246 10.89 17.46 -15.80
C ASN A 246 11.34 16.00 -15.72
N ARG A 247 11.62 15.54 -14.51
CA ARG A 247 11.97 14.14 -14.28
C ARG A 247 10.83 13.31 -13.73
N TRP A 248 9.83 13.95 -13.11
CA TRP A 248 8.72 13.25 -12.50
C TRP A 248 7.39 13.47 -13.21
N LEU A 249 7.34 14.41 -14.10
CA LEU A 249 6.14 14.58 -14.86
C LEU A 249 6.43 14.28 -16.33
N ARG A 250 7.19 13.21 -16.64
CA ARG A 250 7.51 12.77 -17.99
C ARG A 250 6.39 11.95 -18.60
N THR A 251 5.58 11.28 -17.78
CA THR A 251 4.50 10.43 -18.27
C THR A 251 3.12 11.01 -18.00
N ILE A 252 3.03 12.31 -17.77
CA ILE A 252 1.77 12.97 -17.43
C ILE A 252 1.45 13.98 -18.52
N SER A 253 0.25 13.87 -19.09
CA SER A 253 -0.20 14.81 -20.10
C SER A 253 -0.68 16.10 -19.47
N VAL A 254 -0.81 17.13 -20.29
CA VAL A 254 -1.14 18.48 -19.85
C VAL A 254 -2.36 18.98 -20.61
N ILE A 255 -3.31 19.55 -19.88
CA ILE A 255 -4.49 20.19 -20.46
C ILE A 255 -4.32 21.69 -20.25
N LEU A 256 -4.23 22.43 -21.36
CA LEU A 256 -4.15 23.88 -21.29
C LEU A 256 -5.55 24.48 -21.24
N PHE A 257 -5.72 25.48 -20.39
CA PHE A 257 -6.89 26.33 -20.39
C PHE A 257 -6.45 27.77 -20.55
N LEU A 258 -6.94 28.41 -21.59
CA LEU A 258 -6.65 29.83 -21.84
C LEU A 258 -7.85 30.61 -21.32
N ASN A 259 -7.85 30.84 -20.01
CA ASN A 259 -8.96 31.53 -19.38
C ASN A 259 -8.91 33.03 -19.69
N LYS A 260 -10.06 33.68 -19.56
CA LYS A 260 -10.20 35.12 -19.71
C LYS A 260 -9.67 35.62 -21.04
N GLN A 261 -10.04 34.98 -22.15
CA GLN A 261 -9.79 35.56 -23.46
C GLN A 261 -10.82 36.63 -23.78
N ASP A 262 -11.83 36.79 -22.91
CA ASP A 262 -12.76 37.90 -23.02
C ASP A 262 -12.03 39.24 -23.01
N LEU A 263 -11.01 39.37 -22.16
CA LEU A 263 -10.15 40.55 -22.19
C LEU A 263 -9.17 40.53 -23.35
N LEU A 264 -8.77 39.34 -23.82
CA LEU A 264 -7.91 39.24 -24.99
C LEU A 264 -8.56 39.78 -26.26
N ALA A 265 -9.87 39.60 -26.41
CA ALA A 265 -10.55 40.14 -27.58
C ALA A 265 -10.44 41.66 -27.65
N GLU A 266 -10.64 42.33 -26.51
CA GLU A 266 -10.48 43.78 -26.47
C GLU A 266 -9.02 44.19 -26.57
N LYS A 267 -8.11 43.40 -26.00
CA LYS A 267 -6.69 43.72 -26.10
C LYS A 267 -6.21 43.68 -27.54
N VAL A 268 -6.65 42.69 -28.31
CA VAL A 268 -6.27 42.61 -29.73
C VAL A 268 -6.84 43.79 -30.49
N LEU A 269 -8.11 44.13 -30.24
CA LEU A 269 -8.73 45.26 -30.93
C LEU A 269 -8.13 46.59 -30.47
N ALA A 270 -7.98 46.78 -29.17
CA ALA A 270 -7.44 48.03 -28.63
C ALA A 270 -6.84 47.80 -27.26
N LYS A 272 -4.40 49.58 -29.19
CA LYS A 272 -3.53 50.14 -28.16
C LYS A 272 -2.47 49.14 -27.73
N SER A 273 -2.88 48.08 -27.03
CA SER A 273 -1.93 47.08 -26.57
C SER A 273 -1.58 46.17 -27.73
N LYS A 274 -0.30 46.13 -28.10
CA LYS A 274 0.18 45.35 -29.23
C LYS A 274 1.09 44.25 -28.71
N ILE A 275 0.81 43.01 -29.12
CA ILE A 275 1.65 41.88 -28.74
C ILE A 275 2.96 41.87 -29.50
N GLU A 276 3.13 42.75 -30.48
CA GLU A 276 4.37 42.79 -31.25
C GLU A 276 5.55 43.17 -30.37
N ASP A 277 5.36 44.12 -29.45
CA ASP A 277 6.44 44.54 -28.56
C ASP A 277 6.89 43.39 -27.66
N TYR A 278 5.92 42.65 -27.09
CA TYR A 278 6.27 41.53 -26.24
C TYR A 278 6.77 40.35 -27.06
N PHE A 279 6.11 40.06 -28.18
CA PHE A 279 6.49 38.96 -29.06
C PHE A 279 6.77 39.50 -30.45
N PRO A 280 8.02 39.51 -30.91
CA PRO A 280 8.31 40.08 -32.24
C PRO A 280 7.62 39.36 -33.38
N GLU A 281 7.33 38.07 -33.22
CA GLU A 281 6.78 37.26 -34.29
C GLU A 281 5.25 37.34 -34.39
N PHE A 282 4.62 38.20 -33.58
CA PHE A 282 3.17 38.35 -33.66
C PHE A 282 2.75 38.92 -35.01
N ALA A 283 3.46 39.95 -35.49
CA ALA A 283 3.11 40.55 -36.78
C ALA A 283 3.34 39.57 -37.92
N ARG A 284 4.45 38.83 -37.87
CA ARG A 284 4.77 37.88 -38.93
C ARG A 284 3.79 36.71 -38.95
N TYR A 285 3.29 36.32 -37.78
CA TYR A 285 2.40 35.17 -37.68
C TYR A 285 1.08 35.45 -38.37
N THR A 286 0.54 34.45 -39.05
CA THR A 286 -0.73 34.56 -39.75
C THR A 286 -1.64 33.41 -39.35
N THR A 287 -2.94 33.66 -39.40
CA THR A 287 -3.93 32.66 -39.00
C THR A 287 -3.87 31.42 -39.88
N ASP A 290 -5.43 26.52 -42.10
CA ASP A 290 -6.29 27.56 -41.54
C ASP A 290 -7.43 26.96 -40.74
N ALA A 291 -7.20 26.73 -39.45
CA ALA A 291 -8.23 26.18 -38.58
C ALA A 291 -9.34 27.21 -38.38
N THR A 292 -10.58 26.77 -38.58
CA THR A 292 -11.71 27.67 -38.46
C THR A 292 -11.99 28.01 -36.99
N PRO A 293 -12.09 29.30 -36.68
CA PRO A 293 -12.44 29.69 -35.31
C PRO A 293 -13.94 29.68 -35.06
N GLU A 294 -14.36 30.11 -33.88
CA GLU A 294 -15.78 30.16 -33.57
C GLU A 294 -16.42 31.35 -34.26
N PRO A 295 -17.45 31.13 -35.09
CA PRO A 295 -18.08 32.26 -35.78
C PRO A 295 -18.78 33.21 -34.83
N GLY A 296 -18.87 34.48 -35.20
CA GLY A 296 -19.50 35.48 -34.36
C GLY A 296 -18.53 36.50 -33.80
N GLU A 297 -17.27 36.40 -34.21
CA GLU A 297 -16.24 37.31 -33.74
C GLU A 297 -15.41 37.80 -34.92
N ASP A 298 -14.80 38.97 -34.75
CA ASP A 298 -14.00 39.61 -35.79
C ASP A 298 -12.78 38.75 -36.12
N PRO A 299 -12.34 38.75 -37.38
CA PRO A 299 -11.15 37.97 -37.75
C PRO A 299 -9.87 38.42 -37.09
N ARG A 300 -9.83 39.65 -36.57
CA ARG A 300 -8.65 40.16 -35.87
C ARG A 300 -8.69 39.86 -34.37
N VAL A 301 -9.82 39.40 -33.84
CA VAL A 301 -9.94 39.02 -32.45
C VAL A 301 -9.75 37.53 -32.23
N THR A 302 -9.97 36.70 -33.25
CA THR A 302 -9.71 35.27 -33.18
C THR A 302 -8.39 34.91 -33.87
N ARG A 303 -7.60 35.91 -34.26
CA ARG A 303 -6.28 35.69 -34.82
C ARG A 303 -5.18 35.72 -33.77
N ALA A 304 -5.41 36.44 -32.66
CA ALA A 304 -4.45 36.42 -31.57
C ALA A 304 -4.54 35.13 -30.78
N LYS A 305 -5.75 34.58 -30.62
CA LYS A 305 -5.95 33.35 -29.86
C LYS A 305 -5.03 32.24 -30.37
N TYR A 306 -5.01 32.03 -31.69
CA TYR A 306 -4.16 31.00 -32.25
C TYR A 306 -2.67 31.30 -32.06
N PHE A 307 -2.28 32.57 -31.96
CA PHE A 307 -0.89 32.89 -31.72
C PHE A 307 -0.43 32.35 -30.37
N ILE A 308 -1.16 32.68 -29.31
CA ILE A 308 -0.79 32.20 -27.98
C ILE A 308 -0.95 30.68 -27.90
N ARG A 309 -1.98 30.14 -28.56
CA ARG A 309 -2.16 28.69 -28.56
C ARG A 309 -0.97 27.98 -29.19
N LYS A 310 -0.50 28.48 -30.34
CA LYS A 310 0.66 27.90 -30.99
C LYS A 310 1.91 28.08 -30.14
N GLU A 311 2.08 29.27 -29.55
CA GLU A 311 3.25 29.51 -28.71
C GLU A 311 3.29 28.51 -27.55
N PHE A 312 2.15 28.23 -26.94
CA PHE A 312 2.11 27.27 -25.85
C PHE A 312 2.37 25.86 -26.35
N VAL A 313 1.74 25.46 -27.47
CA VAL A 313 1.86 24.07 -27.91
C VAL A 313 3.25 23.77 -28.45
N ASP A 314 4.02 24.77 -28.89
CA ASP A 314 5.40 24.53 -29.29
C ASP A 314 6.40 25.09 -28.29
N ILE A 315 5.96 25.36 -27.05
CA ILE A 315 6.87 25.87 -26.03
C ILE A 315 7.88 24.79 -25.64
N SER A 316 7.38 23.66 -25.13
CA SER A 316 8.28 22.56 -24.81
C SER A 316 7.70 21.20 -25.19
N THR A 317 6.51 21.13 -25.79
CA THR A 317 5.97 19.85 -26.23
C THR A 317 6.81 19.26 -27.36
N ALA A 318 7.19 20.10 -28.34
CA ALA A 318 8.06 19.68 -29.42
C ALA A 318 9.49 19.66 -28.89
N SER A 319 9.92 18.51 -28.37
CA SER A 319 11.25 18.38 -27.80
C SER A 319 12.33 18.43 -28.88
N GLY A 322 6.81 12.60 -26.79
CA GLY A 322 5.90 11.69 -27.48
C GLY A 322 4.93 10.98 -26.55
N ARG A 323 5.39 10.73 -25.32
CA ARG A 323 4.55 10.04 -24.35
C ARG A 323 3.41 10.93 -23.84
N HIS A 324 3.58 12.25 -23.88
CA HIS A 324 2.56 13.18 -23.43
C HIS A 324 2.67 14.45 -24.26
N ILE A 325 1.53 15.09 -24.48
CA ILE A 325 1.44 16.25 -25.37
C ILE A 325 0.41 17.22 -24.82
N CYS A 326 0.52 18.49 -25.23
CA CYS A 326 -0.44 19.50 -24.82
C CYS A 326 -1.82 19.20 -25.39
N TYR A 327 -2.84 19.71 -24.70
CA TYR A 327 -4.22 19.68 -25.18
C TYR A 327 -4.78 21.09 -25.02
N PRO A 328 -4.38 22.02 -25.90
CA PRO A 328 -4.79 23.41 -25.73
C PRO A 328 -6.29 23.59 -25.82
N HIS A 329 -6.80 24.59 -25.10
CA HIS A 329 -8.21 24.91 -25.11
C HIS A 329 -8.35 26.43 -25.00
N PHE A 330 -9.60 26.89 -25.08
CA PHE A 330 -9.91 28.32 -24.97
C PHE A 330 -11.06 28.43 -23.96
N THR A 331 -10.70 28.69 -22.70
CA THR A 331 -11.65 28.64 -21.60
C THR A 331 -12.46 29.92 -21.45
N CYS A 332 -12.08 31.01 -22.13
CA CYS A 332 -12.77 32.28 -22.02
C CYS A 332 -12.96 32.69 -20.56
N ALA A 333 -14.08 33.35 -20.25
CA ALA A 333 -14.34 33.76 -18.88
C ALA A 333 -15.30 32.80 -18.18
N VAL A 334 -16.51 32.65 -18.72
CA VAL A 334 -17.55 31.82 -18.13
C VAL A 334 -18.13 30.93 -19.23
N ASP A 335 -17.77 29.65 -19.22
CA ASP A 335 -18.35 28.65 -20.11
C ASP A 335 -18.60 27.38 -19.30
N THR A 336 -19.71 26.71 -19.57
CA THR A 336 -20.10 25.50 -18.83
C THR A 336 -19.51 24.23 -19.42
N GLU A 337 -18.69 24.33 -20.46
CA GLU A 337 -18.12 23.17 -21.13
C GLU A 337 -16.75 22.78 -20.57
N ASN A 338 -16.35 23.38 -19.44
CA ASN A 338 -15.04 23.08 -18.86
C ASN A 338 -14.92 21.62 -18.46
N ALA A 339 -15.97 21.08 -17.83
CA ALA A 339 -15.94 19.68 -17.41
C ALA A 339 -15.86 18.74 -18.60
N ARG A 340 -16.63 19.00 -19.66
CA ARG A 340 -16.57 18.16 -20.84
C ARG A 340 -15.20 18.22 -21.51
N ARG A 341 -14.61 19.41 -21.57
CA ARG A 341 -13.26 19.55 -22.08
C ARG A 341 -12.24 18.77 -21.25
N ILE A 342 -12.56 18.49 -19.98
CA ILE A 342 -11.72 17.65 -19.15
C ILE A 342 -12.08 16.18 -19.31
N PHE A 343 -13.37 15.87 -19.40
CA PHE A 343 -13.79 14.47 -19.52
C PHE A 343 -13.28 13.85 -20.83
N ASN A 344 -13.55 14.50 -21.96
CA ASN A 344 -13.07 13.98 -23.24
C ASN A 344 -11.56 13.95 -23.29
N ASP A 345 -10.91 14.96 -22.71
CA ASP A 345 -9.45 15.00 -22.68
C ASP A 345 -8.88 13.80 -21.93
N CYS A 346 -9.42 13.52 -20.74
CA CYS A 346 -8.94 12.41 -19.94
C CYS A 346 -9.25 11.07 -20.59
N LYS A 347 -10.41 10.98 -21.24
CA LYS A 347 -10.75 9.77 -21.99
C LYS A 347 -9.72 9.53 -23.10
N ASP A 348 -9.35 10.59 -23.82
CA ASP A 348 -8.34 10.47 -24.85
C ASP A 348 -7.00 10.06 -24.25
N ILE A 349 -6.65 10.65 -23.09
CA ILE A 349 -5.38 10.35 -22.45
C ILE A 349 -5.30 8.87 -22.07
N ILE A 350 -6.34 8.36 -21.39
CA ILE A 350 -6.31 6.97 -20.97
C ILE A 350 -6.44 6.03 -22.16
N LEU A 351 -7.14 6.43 -23.22
CA LEU A 351 -7.19 5.63 -24.43
C LEU A 351 -5.80 5.50 -25.06
N GLN A 352 -5.06 6.61 -25.12
CA GLN A 352 -3.71 6.57 -25.64
C GLN A 352 -2.81 5.71 -24.76
N MET A 353 -2.98 5.80 -23.44
CA MET A 353 -2.22 4.96 -22.53
C MET A 353 -2.50 3.48 -22.77
N ASN A 354 -3.78 3.13 -22.95
CA ASN A 354 -4.14 1.75 -23.22
C ASN A 354 -3.58 1.27 -24.55
N LEU A 355 -3.62 2.12 -25.58
CA LEU A 355 -3.04 1.75 -26.87
C LEU A 355 -1.55 1.51 -26.75
N ARG A 356 -0.85 2.36 -25.99
CA ARG A 356 0.57 2.15 -25.75
C ARG A 356 0.84 0.88 -24.98
N GLU A 357 -0.06 0.43 -24.13
CA GLU A 357 0.29 -0.78 -23.39
C GLU A 357 0.05 -1.92 -24.27
N TYR A 358 -1.09 -1.92 -24.98
CA TYR A 358 -1.35 -3.00 -25.91
C TYR A 358 -0.56 -2.92 -27.22
N ASN A 359 0.27 -1.89 -27.36
CA ASN A 359 1.09 -1.70 -28.57
C ASN A 359 0.26 -1.43 -29.82
N LEU A 360 -0.90 -0.79 -29.66
CA LEU A 360 -1.71 -0.44 -30.82
C LEU A 360 -1.10 0.68 -31.64
N VAL A 361 -0.18 1.45 -31.07
CA VAL A 361 0.45 2.56 -31.79
C VAL A 361 1.88 2.22 -32.17
N LEU B 12 26.35 46.06 5.98
CA LEU B 12 25.80 44.84 6.56
C LEU B 12 26.25 43.61 5.77
N ARG B 13 26.12 43.68 4.45
CA ARG B 13 26.54 42.57 3.60
C ARG B 13 28.03 42.30 3.68
N GLN B 14 28.86 43.35 3.72
CA GLN B 14 30.30 43.15 3.86
C GLN B 14 30.63 42.46 5.17
N GLU B 15 29.98 42.86 6.26
CA GLU B 15 30.15 42.21 7.55
C GLU B 15 29.70 40.75 7.54
N ALA B 16 28.57 40.44 6.89
CA ALA B 16 28.13 39.06 6.80
C ALA B 16 29.11 38.22 6.00
N GLU B 17 29.63 38.77 4.90
CA GLU B 17 30.62 38.05 4.11
C GLU B 17 31.90 37.82 4.91
N GLN B 18 32.34 38.82 5.67
CA GLN B 18 33.53 38.65 6.51
C GLN B 18 33.30 37.59 7.58
N LEU B 19 32.12 37.59 8.20
CA LEU B 19 31.79 36.58 9.20
C LEU B 19 31.79 35.19 8.60
N LYS B 20 31.19 35.04 7.41
CA LYS B 20 31.18 33.76 6.72
C LYS B 20 32.58 33.28 6.36
N ASN B 21 33.44 34.17 5.85
CA ASN B 21 34.83 33.82 5.58
C ASN B 21 35.58 33.43 6.85
N GLN B 22 35.37 34.14 7.95
CA GLN B 22 36.02 33.78 9.22
C GLN B 22 35.54 32.40 9.69
N ILE B 23 34.25 32.11 9.54
CA ILE B 23 33.69 30.83 9.93
C ILE B 23 34.31 29.72 9.09
N ARG B 24 34.41 29.97 7.79
CA ARG B 24 35.01 28.97 6.89
C ARG B 24 36.46 28.71 7.25
N ASP B 25 37.22 29.79 7.53
CA ASP B 25 38.61 29.63 7.94
C ASP B 25 38.74 28.88 9.25
N ALA B 26 37.88 29.17 10.23
CA ALA B 26 37.92 28.48 11.51
C ALA B 26 37.56 27.01 11.40
N ARG B 27 36.56 26.66 10.57
CA ARG B 27 36.17 25.28 10.39
C ARG B 27 37.05 24.55 9.39
N LYS B 28 37.97 25.28 8.74
CA LYS B 28 39.00 24.66 7.91
C LYS B 28 40.40 24.92 8.46
N ALA B 29 40.49 25.31 9.73
CA ALA B 29 41.77 25.70 10.31
C ALA B 29 42.68 24.49 10.51
N CYS B 30 42.15 23.40 11.06
CA CYS B 30 42.99 22.27 11.42
C CYS B 30 43.07 21.26 10.28
N ALA B 31 41.94 20.67 9.89
CA ALA B 31 41.87 19.66 8.84
C ALA B 31 42.90 18.56 9.04
N ASP B 32 43.01 18.04 10.26
CA ASP B 32 44.06 17.06 10.56
C ASP B 32 43.87 15.78 9.76
N ALA B 33 42.64 15.30 9.64
CA ALA B 33 42.35 14.08 8.90
C ALA B 33 40.92 14.07 8.40
N PRO B 44 36.85 -2.71 6.50
CA PRO B 44 35.93 -3.03 5.39
C PRO B 44 34.84 -4.00 5.81
N VAL B 45 33.58 -3.53 5.75
CA VAL B 45 32.45 -4.37 6.14
C VAL B 45 32.30 -5.55 5.19
N GLY B 46 32.37 -5.28 3.90
CA GLY B 46 32.13 -6.30 2.89
C GLY B 46 30.69 -6.29 2.41
N ARG B 47 30.42 -7.18 1.45
CA ARG B 47 29.08 -7.27 0.87
C ARG B 47 28.06 -7.69 1.92
N ILE B 48 27.15 -6.76 2.24
CA ILE B 48 26.11 -7.05 3.22
C ILE B 48 25.16 -8.13 2.72
N GLN B 49 24.67 -7.99 1.49
CA GLN B 49 23.70 -8.93 0.91
C GLN B 49 22.49 -9.10 1.82
N MET B 50 21.96 -7.97 2.29
CA MET B 50 20.78 -8.00 3.14
C MET B 50 19.61 -8.63 2.38
N ARG B 51 19.15 -9.77 2.87
CA ARG B 51 18.12 -10.55 2.21
C ARG B 51 16.75 -10.18 2.77
N THR B 52 15.80 -9.96 1.87
CA THR B 52 14.45 -9.65 2.31
C THR B 52 13.83 -10.85 3.02
N ARG B 53 13.17 -10.58 4.13
CA ARG B 53 12.51 -11.60 4.94
C ARG B 53 10.99 -11.49 4.90
N ARG B 54 10.46 -10.28 4.99
CA ARG B 54 9.03 -10.03 4.85
C ARG B 54 8.82 -9.03 3.73
N THR B 55 7.57 -8.95 3.27
CA THR B 55 7.20 -7.98 2.23
C THR B 55 5.79 -7.51 2.57
N LEU B 56 5.70 -6.37 3.25
CA LEU B 56 4.42 -5.87 3.75
C LEU B 56 3.64 -5.24 2.60
N ARG B 57 2.90 -6.07 1.88
CA ARG B 57 2.02 -5.62 0.80
C ARG B 57 0.65 -5.27 1.36
N GLY B 58 -0.01 -4.31 0.72
CA GLY B 58 -1.31 -3.88 1.17
C GLY B 58 -1.55 -2.40 0.96
N HIS B 59 -0.48 -1.65 0.69
CA HIS B 59 -0.63 -0.24 0.36
C HIS B 59 -1.08 -0.08 -1.09
N LEU B 60 -2.03 0.83 -1.31
CA LEU B 60 -2.66 0.98 -2.60
C LEU B 60 -2.00 2.03 -3.48
N ALA B 61 -1.18 2.90 -2.91
CA ALA B 61 -0.49 3.95 -3.65
C ALA B 61 0.99 3.98 -3.28
N LYS B 62 1.69 5.00 -3.75
CA LYS B 62 3.11 5.12 -3.51
C LYS B 62 3.40 5.38 -2.03
N ILE B 63 4.48 4.78 -1.54
CA ILE B 63 4.93 4.96 -0.16
C ILE B 63 5.78 6.22 -0.09
N TYR B 64 5.53 7.03 0.93
CA TYR B 64 6.26 8.28 1.13
C TYR B 64 7.22 8.24 2.30
N ALA B 65 6.76 7.83 3.48
CA ALA B 65 7.62 7.77 4.65
C ALA B 65 7.16 6.66 5.58
N MET B 66 8.11 6.14 6.36
CA MET B 66 7.82 5.15 7.37
C MET B 66 8.58 5.51 8.66
N HIS B 67 8.20 4.84 9.74
CA HIS B 67 8.94 4.95 10.99
C HIS B 67 8.81 3.66 11.77
N TRP B 68 9.94 3.16 12.29
CA TRP B 68 9.95 1.95 13.09
C TRP B 68 9.35 2.22 14.47
N GLY B 69 9.38 1.19 15.31
CA GLY B 69 8.93 1.29 16.68
C GLY B 69 10.06 1.10 17.67
N THR B 70 9.84 1.59 18.89
CA THR B 70 10.81 1.39 19.95
C THR B 70 10.92 -0.08 20.30
N ASP B 71 9.80 -0.81 20.23
CA ASP B 71 9.80 -2.25 20.46
C ASP B 71 10.50 -3.02 19.36
N SER B 72 10.84 -2.37 18.25
CA SER B 72 11.52 -2.98 17.10
C SER B 72 10.65 -4.03 16.41
N ARG B 73 9.34 -4.04 16.72
CA ARG B 73 8.41 -4.98 16.13
C ARG B 73 7.36 -4.30 15.26
N LEU B 74 6.72 -3.25 15.76
CA LEU B 74 5.74 -2.51 14.99
C LEU B 74 6.41 -1.42 14.17
N LEU B 75 5.86 -1.18 12.97
CA LEU B 75 6.32 -0.08 12.15
C LEU B 75 5.10 0.57 11.51
N VAL B 76 5.26 1.80 11.05
CA VAL B 76 4.17 2.57 10.45
C VAL B 76 4.62 3.09 9.10
N SER B 77 3.72 3.06 8.13
CA SER B 77 4.00 3.56 6.78
C SER B 77 2.82 4.39 6.29
N ALA B 78 3.12 5.36 5.43
CA ALA B 78 2.12 6.25 4.86
C ALA B 78 2.12 6.12 3.35
N SER B 79 0.93 6.25 2.76
CA SER B 79 0.80 6.11 1.31
C SER B 79 0.08 7.32 0.74
N GLN B 80 0.28 7.54 -0.56
CA GLN B 80 -0.39 8.63 -1.26
C GLN B 80 -1.90 8.42 -1.34
N ASP B 81 -2.37 7.22 -1.07
CA ASP B 81 -3.81 6.98 -1.00
C ASP B 81 -4.44 7.79 0.12
N GLY B 82 -3.70 8.03 1.20
CA GLY B 82 -4.25 8.62 2.40
C GLY B 82 -4.41 7.56 3.46
N LYS B 83 -3.50 6.59 3.47
CA LYS B 83 -3.56 5.45 4.37
C LYS B 83 -2.29 5.40 5.20
N LEU B 84 -2.46 5.27 6.53
CA LEU B 84 -1.32 5.11 7.46
C LEU B 84 -1.53 3.70 8.00
N ILE B 85 -0.69 2.76 7.61
CA ILE B 85 -0.83 1.35 7.99
C ILE B 85 0.30 1.00 8.95
N ILE B 86 -0.07 0.42 10.09
CA ILE B 86 0.88 -0.02 11.10
C ILE B 86 0.96 -1.54 11.05
N TRP B 87 2.14 -2.04 10.72
CA TRP B 87 2.42 -3.45 10.51
C TRP B 87 3.17 -4.05 11.70
N ASP B 88 2.90 -5.32 11.93
CA ASP B 88 3.67 -6.18 12.82
C ASP B 88 4.75 -6.83 11.97
N SER B 89 5.99 -6.36 12.13
CA SER B 89 7.06 -6.76 11.21
C SER B 89 7.37 -8.25 11.28
N TYR B 90 7.36 -8.84 12.48
CA TYR B 90 7.69 -10.26 12.61
C TYR B 90 6.69 -11.13 11.86
N THR B 91 5.40 -10.91 12.10
CA THR B 91 4.36 -11.79 11.59
C THR B 91 3.60 -11.17 10.41
N THR B 92 4.06 -10.04 9.87
CA THR B 92 3.54 -9.40 8.66
C THR B 92 2.11 -8.89 8.83
N ASN B 93 1.47 -9.16 9.97
CA ASN B 93 0.09 -8.76 10.17
C ASN B 93 -0.04 -7.23 10.20
N LYS B 94 -1.21 -6.76 9.79
CA LYS B 94 -1.53 -5.33 9.77
C LYS B 94 -2.19 -5.00 11.10
N VAL B 95 -1.42 -4.43 12.03
CA VAL B 95 -1.96 -4.10 13.35
C VAL B 95 -3.02 -3.02 13.23
N HIS B 96 -2.75 -1.98 12.44
CA HIS B 96 -3.68 -0.87 12.32
C HIS B 96 -3.74 -0.38 10.88
N ALA B 97 -4.89 0.21 10.52
CA ALA B 97 -5.08 0.87 9.23
C ALA B 97 -5.87 2.15 9.50
N ILE B 98 -5.25 3.30 9.25
CA ILE B 98 -5.82 4.59 9.57
C ILE B 98 -6.12 5.33 8.27
N PRO B 99 -7.34 5.80 8.05
CA PRO B 99 -7.60 6.64 6.88
C PRO B 99 -7.30 8.10 7.17
N LEU B 100 -6.44 8.71 6.38
CA LEU B 100 -6.06 10.09 6.61
C LEU B 100 -7.01 11.04 5.95
N ARG B 101 -7.10 12.24 6.48
CA ARG B 101 -7.97 13.26 5.91
C ARG B 101 -7.40 13.82 4.62
N SER B 102 -6.08 13.95 4.53
CA SER B 102 -5.41 14.43 3.34
C SER B 102 -4.65 13.30 2.69
N SER B 103 -4.91 13.07 1.41
CA SER B 103 -4.27 11.98 0.67
C SER B 103 -2.77 12.20 0.47
N TRP B 104 -2.30 13.44 0.54
CA TRP B 104 -0.91 13.77 0.26
C TRP B 104 -0.17 13.93 1.57
N VAL B 105 0.67 12.90 1.88
CA VAL B 105 1.40 12.75 3.16
C VAL B 105 2.85 12.50 2.90
N MET B 106 3.74 13.39 3.27
CA MET B 106 5.14 13.24 2.94
C MET B 106 5.98 12.76 4.11
N THR B 107 5.38 12.55 5.28
CA THR B 107 6.11 12.05 6.43
C THR B 107 5.15 11.39 7.40
N CYS B 108 5.71 10.50 8.23
CA CYS B 108 4.97 9.88 9.31
C CYS B 108 5.92 9.58 10.45
N ALA B 109 5.37 9.51 11.65
CA ALA B 109 6.18 9.24 12.81
C ALA B 109 5.53 8.19 13.67
N TYR B 110 6.29 7.66 14.59
CA TYR B 110 5.79 6.71 15.59
C TYR B 110 6.38 7.11 16.93
N ALA B 111 5.51 7.34 17.92
CA ALA B 111 5.97 7.88 19.20
C ALA B 111 6.93 6.92 19.89
N PRO B 112 7.89 7.45 20.65
CA PRO B 112 8.82 6.56 21.37
C PRO B 112 8.12 5.64 22.35
N SER B 113 7.04 6.10 22.99
CA SER B 113 6.25 5.24 23.86
C SER B 113 5.29 4.35 23.09
N GLY B 114 5.08 4.61 21.81
CA GLY B 114 4.21 3.80 21.00
C GLY B 114 2.74 4.13 21.09
N ASN B 115 2.36 5.16 21.85
CA ASN B 115 0.97 5.51 22.01
C ASN B 115 0.44 6.44 20.93
N TYR B 116 1.32 7.08 20.16
CA TYR B 116 0.91 8.07 19.17
C TYR B 116 1.64 7.85 17.86
N VAL B 117 1.01 8.31 16.78
CA VAL B 117 1.65 8.38 15.46
C VAL B 117 1.37 9.75 14.86
N ALA B 118 2.39 10.35 14.27
CA ALA B 118 2.25 11.68 13.66
C ALA B 118 2.47 11.67 12.16
N CYS B 119 1.47 12.06 11.41
CA CYS B 119 1.57 12.10 9.95
C CYS B 119 1.52 13.55 9.48
N GLY B 120 2.42 13.90 8.59
CA GLY B 120 2.47 15.24 8.03
C GLY B 120 2.73 15.19 6.55
N GLY B 121 2.11 16.12 5.82
CA GLY B 121 2.27 16.12 4.38
C GLY B 121 2.06 17.45 3.71
N LEU B 122 1.41 17.43 2.55
CA LEU B 122 1.22 18.65 1.75
C LEU B 122 0.05 19.51 2.21
N ASP B 123 -0.69 19.06 3.22
CA ASP B 123 -1.82 19.82 3.73
C ASP B 123 -1.41 20.82 4.79
N ASN B 124 -0.11 20.91 5.10
CA ASN B 124 0.47 21.88 6.03
C ASN B 124 -0.01 21.68 7.47
N ILE B 125 -0.60 20.53 7.76
CA ILE B 125 -1.14 20.24 9.09
C ILE B 125 -0.63 18.88 9.54
N CYS B 126 -0.15 18.80 10.78
CA CYS B 126 0.38 17.56 11.34
C CYS B 126 -0.70 16.90 12.19
N SER B 127 -1.02 15.65 11.88
CA SER B 127 -2.06 14.92 12.59
C SER B 127 -1.43 13.94 13.56
N ILE B 128 -1.81 14.03 14.83
CA ILE B 128 -1.35 13.15 15.89
C ILE B 128 -2.51 12.22 16.23
N TYR B 129 -2.33 10.93 15.98
CA TYR B 129 -3.32 9.90 16.25
C TYR B 129 -2.92 9.10 17.48
N ASN B 130 -3.91 8.81 18.33
CA ASN B 130 -3.69 8.05 19.57
C ASN B 130 -3.90 6.58 19.27
N LEU B 131 -2.82 5.81 19.27
CA LEU B 131 -2.92 4.37 19.00
C LEU B 131 -3.59 3.63 20.14
N LYS B 132 -3.15 3.88 21.37
CA LYS B 132 -3.63 3.14 22.54
C LYS B 132 -4.73 3.96 23.22
N THR B 133 -5.97 3.68 22.83
CA THR B 133 -7.13 4.34 23.41
C THR B 133 -8.13 3.29 23.85
N ARG B 134 -9.03 3.70 24.75
CA ARG B 134 -10.03 2.78 25.27
C ARG B 134 -10.97 2.26 24.18
N GLU B 135 -11.09 2.98 23.08
CA GLU B 135 -11.90 2.51 21.95
C GLU B 135 -11.04 1.67 21.02
N GLY B 136 -11.69 1.06 20.03
CA GLY B 136 -11.01 0.18 19.10
C GLY B 136 -10.68 0.83 17.78
N ASN B 137 -10.74 2.15 17.73
CA ASN B 137 -10.38 2.92 16.54
C ASN B 137 -9.22 3.85 16.85
N VAL B 138 -8.36 4.04 15.87
CA VAL B 138 -7.23 4.97 15.99
C VAL B 138 -7.75 6.34 15.58
N ARG B 139 -8.04 7.18 16.57
CA ARG B 139 -8.58 8.51 16.35
C ARG B 139 -7.45 9.54 16.45
N VAL B 140 -7.68 10.68 15.81
CA VAL B 140 -6.70 11.76 15.85
C VAL B 140 -6.80 12.55 17.14
N SER B 141 -5.73 12.55 17.92
CA SER B 141 -5.70 13.31 19.16
C SER B 141 -5.48 14.80 18.90
N ARG B 142 -4.65 15.17 17.90
CA ARG B 142 -4.41 16.60 17.74
C ARG B 142 -4.20 16.93 16.26
N GLU B 143 -4.66 18.11 15.87
CA GLU B 143 -4.47 18.62 14.51
C GLU B 143 -3.63 19.89 14.62
N LEU B 144 -2.30 19.72 14.62
CA LEU B 144 -1.37 20.83 14.77
C LEU B 144 -1.32 21.59 13.45
N ALA B 145 -1.87 22.81 13.46
CA ALA B 145 -1.86 23.70 12.32
C ALA B 145 -1.16 25.00 12.67
N GLY B 146 -0.63 25.66 11.64
CA GLY B 146 0.12 26.88 11.85
C GLY B 146 1.28 27.02 10.88
N HIS B 147 1.69 25.92 10.28
CA HIS B 147 2.69 25.97 9.24
C HIS B 147 2.09 26.51 7.94
N THR B 148 2.96 27.06 7.10
CA THR B 148 2.56 27.56 5.79
C THR B 148 2.87 26.58 4.67
N GLY B 149 4.13 26.15 4.56
CA GLY B 149 4.51 25.20 3.54
C GLY B 149 4.18 23.77 3.90
N TYR B 150 4.44 22.89 2.95
CA TYR B 150 4.18 21.47 3.14
C TYR B 150 5.04 20.90 4.25
N LEU B 151 4.44 20.01 5.05
CA LEU B 151 5.21 19.28 6.04
C LEU B 151 5.98 18.15 5.38
N SER B 152 7.26 18.04 5.74
CA SER B 152 8.14 17.05 5.13
C SER B 152 8.79 16.10 6.12
N CYS B 153 8.82 16.41 7.42
CA CYS B 153 9.34 15.48 8.41
C CYS B 153 8.87 15.92 9.79
N CYS B 154 8.38 14.95 10.55
CA CYS B 154 7.96 15.20 11.92
C CYS B 154 8.40 14.03 12.77
N ARG B 155 8.96 14.34 13.95
CA ARG B 155 9.47 13.32 14.84
C ARG B 155 9.12 13.68 16.28
N PHE B 156 8.78 12.68 17.07
CA PHE B 156 8.36 12.89 18.45
C PHE B 156 9.56 13.04 19.37
N LEU B 157 9.52 14.05 20.24
CA LEU B 157 10.44 14.07 21.38
C LEU B 157 9.89 13.25 22.53
N ASP B 158 8.63 13.48 22.88
CA ASP B 158 7.93 12.78 23.95
C ASP B 158 6.46 12.73 23.55
N ASP B 159 5.62 12.16 24.43
CA ASP B 159 4.19 12.18 24.19
C ASP B 159 3.60 13.59 24.28
N ASN B 160 4.36 14.56 24.78
CA ASN B 160 3.90 15.93 25.00
C ASN B 160 4.32 16.87 23.87
N GLN B 161 5.59 16.84 23.48
CA GLN B 161 6.15 17.81 22.54
C GLN B 161 6.69 17.12 21.31
N ILE B 162 6.50 17.74 20.15
CA ILE B 162 6.88 17.18 18.86
C ILE B 162 7.54 18.28 18.01
N VAL B 163 8.57 17.90 17.26
CA VAL B 163 9.25 18.81 16.35
C VAL B 163 8.86 18.46 14.93
N THR B 164 8.49 19.49 14.15
CA THR B 164 7.99 19.32 12.80
C THR B 164 8.81 20.15 11.82
N SER B 165 9.03 19.60 10.63
CA SER B 165 9.70 20.29 9.54
C SER B 165 8.70 20.61 8.44
N SER B 166 8.68 21.87 8.02
CA SER B 166 7.74 22.33 7.00
C SER B 166 8.49 22.86 5.80
N GLY B 167 7.75 23.09 4.72
CA GLY B 167 8.30 23.64 3.50
C GLY B 167 8.32 25.15 3.43
N ASP B 168 7.94 25.84 4.51
CA ASP B 168 7.97 27.29 4.57
C ASP B 168 9.25 27.83 5.19
N THR B 169 10.36 27.10 5.03
CA THR B 169 11.69 27.46 5.48
C THR B 169 11.81 27.56 6.99
N THR B 170 10.84 27.04 7.74
CA THR B 170 10.82 27.17 9.20
C THR B 170 10.48 25.82 9.81
N CYS B 171 11.30 25.38 10.76
CA CYS B 171 10.94 24.25 11.60
C CYS B 171 10.13 24.75 12.80
N ALA B 172 9.52 23.82 13.51
CA ALA B 172 8.68 24.20 14.65
C ALA B 172 8.77 23.14 15.74
N LEU B 173 8.50 23.58 16.97
CA LEU B 173 8.33 22.68 18.11
C LEU B 173 7.01 23.01 18.77
N TRP B 174 6.17 21.99 18.92
CA TRP B 174 4.80 22.12 19.39
C TRP B 174 4.60 21.33 20.66
N ASP B 175 3.70 21.82 21.51
CA ASP B 175 3.16 21.05 22.62
C ASP B 175 1.79 20.54 22.19
N ILE B 176 1.60 19.23 22.26
CA ILE B 176 0.46 18.61 21.61
C ILE B 176 -0.85 19.00 22.31
N GLU B 177 -0.89 18.92 23.64
CA GLU B 177 -2.15 19.19 24.34
C GLU B 177 -2.59 20.64 24.16
N THR B 178 -1.64 21.58 24.17
CA THR B 178 -1.98 22.98 23.93
C THR B 178 -2.36 23.22 22.48
N GLY B 179 -1.76 22.47 21.55
CA GLY B 179 -2.06 22.63 20.14
C GLY B 179 -1.43 23.84 19.49
N GLN B 180 -0.55 24.54 20.19
CA GLN B 180 0.08 25.75 19.68
C GLN B 180 1.58 25.57 19.63
N GLN B 181 2.23 26.32 18.73
CA GLN B 181 3.68 26.28 18.62
C GLN B 181 4.33 26.68 19.94
N THR B 182 5.29 25.87 20.38
CA THR B 182 6.10 26.22 21.55
C THR B 182 7.24 27.12 21.11
N THR B 183 7.98 26.70 20.09
CA THR B 183 9.05 27.50 19.51
C THR B 183 9.02 27.40 17.99
N THR B 184 9.53 28.43 17.32
CA THR B 184 9.67 28.44 15.87
C THR B 184 11.15 28.60 15.52
N PHE B 185 11.66 27.67 14.72
CA PHE B 185 13.05 27.67 14.29
C PHE B 185 13.13 28.28 12.90
N THR B 186 13.67 29.50 12.81
CA THR B 186 13.73 30.24 11.57
C THR B 186 15.18 30.44 11.15
N GLY B 187 15.39 30.60 9.85
CA GLY B 187 16.73 30.87 9.33
C GLY B 187 17.02 30.21 8.01
N HIS B 188 16.26 29.18 7.66
CA HIS B 188 16.48 28.50 6.39
C HIS B 188 16.00 29.36 5.23
N THR B 189 16.65 29.20 4.09
CA THR B 189 16.30 29.92 2.87
C THR B 189 15.38 29.12 1.96
N GLY B 190 15.61 27.82 1.82
CA GLY B 190 14.76 26.96 1.04
C GLY B 190 13.86 26.08 1.90
N ASP B 191 12.97 25.35 1.23
CA ASP B 191 12.06 24.46 1.94
C ASP B 191 12.68 23.27 2.64
N VAL B 192 12.38 23.12 3.92
CA VAL B 192 13.08 22.19 4.81
C VAL B 192 12.49 20.81 4.62
N MET B 193 13.33 19.83 4.29
CA MET B 193 12.86 18.54 3.84
C MET B 193 12.88 17.44 4.90
N SER B 194 13.79 17.52 5.86
CA SER B 194 13.88 16.46 6.86
C SER B 194 14.57 16.98 8.11
N LEU B 195 14.30 16.27 9.21
CA LEU B 195 14.95 16.59 10.46
C LEU B 195 15.27 15.29 11.16
N SER B 196 16.29 15.30 12.00
CA SER B 196 16.69 14.13 12.76
C SER B 196 17.01 14.55 14.18
N LEU B 197 16.49 13.79 15.14
CA LEU B 197 16.68 14.08 16.56
C LEU B 197 18.04 13.58 17.02
N ALA B 198 18.24 13.57 18.34
CA ALA B 198 19.41 13.05 19.00
C ALA B 198 18.98 12.03 20.04
N PRO B 199 19.85 11.09 20.40
CA PRO B 199 19.50 10.16 21.48
C PRO B 199 19.15 10.85 22.79
N ASP B 200 19.84 11.94 23.12
CA ASP B 200 19.55 12.71 24.31
C ASP B 200 18.35 13.64 24.15
N THR B 201 17.96 13.95 22.92
CA THR B 201 16.83 14.82 22.61
C THR B 201 17.02 16.18 23.30
N ARG B 202 18.06 16.88 22.84
CA ARG B 202 18.33 18.25 23.28
C ARG B 202 18.58 19.13 22.06
N LEU B 203 19.26 18.54 21.07
CA LEU B 203 19.55 19.27 19.85
C LEU B 203 19.06 18.40 18.70
N PHE B 204 18.62 19.03 17.61
CA PHE B 204 18.17 18.29 16.44
C PHE B 204 18.67 18.97 15.16
N VAL B 205 19.06 18.16 14.19
CA VAL B 205 19.56 18.67 12.92
C VAL B 205 18.45 18.57 11.88
N SER B 206 18.48 19.48 10.91
CA SER B 206 17.43 19.53 9.90
C SER B 206 17.98 20.13 8.61
N GLY B 207 17.80 19.42 7.50
CA GLY B 207 18.27 19.88 6.21
C GLY B 207 17.19 20.51 5.35
N ALA B 208 17.61 21.46 4.51
CA ALA B 208 16.65 22.15 3.65
C ALA B 208 17.06 22.30 2.19
N CYS B 209 16.21 22.95 1.40
CA CYS B 209 16.49 23.13 -0.03
C CYS B 209 17.56 24.17 -0.34
N ASP B 210 18.05 24.86 0.67
CA ASP B 210 19.06 25.89 0.46
C ASP B 210 20.40 25.17 0.57
N ALA B 211 20.42 23.86 0.30
CA ALA B 211 21.69 23.12 0.30
C ALA B 211 22.44 23.21 1.63
N SER B 212 21.69 23.45 2.72
CA SER B 212 22.30 23.53 4.03
C SER B 212 21.50 22.74 5.05
N ALA B 213 22.20 22.24 6.06
CA ALA B 213 21.59 21.55 7.19
C ALA B 213 21.96 22.28 8.47
N LYS B 214 20.96 22.66 9.24
CA LYS B 214 21.18 23.44 10.45
C LYS B 214 20.92 22.59 11.69
N LEU B 215 21.83 22.70 12.65
CA LEU B 215 21.64 22.16 13.99
C LEU B 215 20.94 23.19 14.84
N TRP B 216 19.80 22.78 15.40
CA TRP B 216 19.02 23.67 16.22
C TRP B 216 18.94 23.18 17.66
N ASP B 217 18.79 24.10 18.59
CA ASP B 217 18.66 23.80 20.01
C ASP B 217 17.17 23.83 20.35
N VAL B 218 16.66 22.72 20.90
CA VAL B 218 15.24 22.61 21.17
C VAL B 218 14.82 23.56 22.29
N ARG B 219 15.63 23.66 23.34
CA ARG B 219 15.24 24.45 24.51
C ARG B 219 15.16 25.93 24.17
N GLU B 220 16.21 26.49 23.55
CA GLU B 220 16.26 27.92 23.27
C GLU B 220 15.47 28.32 22.03
N GLY B 221 15.10 27.36 21.19
CA GLY B 221 14.37 27.68 19.96
C GLY B 221 15.16 28.55 19.01
N MET B 222 16.45 28.29 18.88
CA MET B 222 17.33 29.08 18.02
C MET B 222 18.30 28.15 17.31
N CYS B 223 18.83 28.64 16.19
CA CYS B 223 19.81 27.89 15.44
C CYS B 223 21.14 27.84 16.18
N ARG B 224 21.70 26.65 16.30
CA ARG B 224 23.00 26.48 16.94
C ARG B 224 24.15 26.46 15.94
N GLN B 225 24.02 25.72 14.83
CA GLN B 225 25.08 25.67 13.83
C GLN B 225 24.47 25.51 12.45
N THR B 226 25.28 25.78 11.44
CA THR B 226 24.89 25.61 10.05
C THR B 226 26.00 24.88 9.31
N PHE B 227 25.63 23.89 8.51
CA PHE B 227 26.57 23.09 7.73
C PHE B 227 26.20 23.17 6.26
N THR B 228 27.19 23.45 5.42
CA THR B 228 27.01 23.54 3.98
C THR B 228 28.05 22.67 3.29
N GLY B 229 27.94 22.58 1.97
CA GLY B 229 28.87 21.79 1.19
C GLY B 229 28.22 21.02 0.06
N HIS B 230 26.92 20.73 0.21
CA HIS B 230 26.20 20.02 -0.83
C HIS B 230 25.85 20.95 -1.98
N GLU B 231 25.78 20.37 -3.18
CA GLU B 231 25.55 21.18 -4.38
C GLU B 231 24.07 21.51 -4.56
N SER B 232 23.18 20.59 -4.23
CA SER B 232 21.76 20.76 -4.46
C SER B 232 21.00 20.70 -3.14
N ASP B 233 19.67 20.70 -3.25
CA ASP B 233 18.80 20.70 -2.08
C ASP B 233 18.88 19.37 -1.33
N ILE B 234 18.86 19.47 0.00
CA ILE B 234 18.89 18.29 0.86
C ILE B 234 17.49 17.71 0.96
N ASN B 235 17.35 16.43 0.59
CA ASN B 235 16.05 15.76 0.61
C ASN B 235 15.90 14.79 1.77
N ALA B 236 16.97 14.49 2.50
CA ALA B 236 16.87 13.57 3.63
C ALA B 236 18.06 13.78 4.55
N ILE B 237 17.80 13.66 5.85
CA ILE B 237 18.83 13.81 6.88
C ILE B 237 18.66 12.70 7.92
N CYS B 238 19.78 12.21 8.43
CA CYS B 238 19.81 11.30 9.55
C CYS B 238 20.80 11.83 10.58
N PHE B 239 20.91 11.15 11.72
CA PHE B 239 21.77 11.61 12.81
C PHE B 239 22.47 10.40 13.41
N PHE B 240 23.78 10.50 13.59
CA PHE B 240 24.57 9.39 14.10
C PHE B 240 24.15 9.05 15.53
N PRO B 241 24.16 7.77 15.89
CA PRO B 241 23.77 7.39 17.26
C PRO B 241 24.68 7.97 18.34
N ASN B 242 25.92 8.36 17.99
CA ASN B 242 26.84 8.89 18.98
C ASN B 242 26.29 10.15 19.63
N GLY B 243 25.69 11.03 18.83
CA GLY B 243 25.23 12.32 19.30
C GLY B 243 26.05 13.50 18.83
N ASN B 244 27.19 13.25 18.19
CA ASN B 244 28.08 14.31 17.74
C ASN B 244 28.35 14.25 16.23
N ALA B 245 27.48 13.57 15.47
CA ALA B 245 27.64 13.49 14.03
C ALA B 245 26.29 13.24 13.39
N PHE B 246 26.20 13.50 12.10
CA PHE B 246 24.98 13.21 11.35
C PHE B 246 25.32 13.11 9.88
N ALA B 247 24.35 12.65 9.08
CA ALA B 247 24.54 12.46 7.65
C ALA B 247 23.37 13.05 6.89
N THR B 248 23.65 13.51 5.67
CA THR B 248 22.66 14.13 4.82
C THR B 248 22.59 13.41 3.48
N GLY B 249 21.41 13.47 2.86
CA GLY B 249 21.22 12.99 1.51
C GLY B 249 20.51 14.03 0.67
N SER B 250 21.03 14.33 -0.51
CA SER B 250 20.49 15.41 -1.33
C SER B 250 20.22 14.90 -2.75
N ASP B 251 19.80 15.83 -3.61
CA ASP B 251 19.42 15.49 -4.97
C ASP B 251 20.61 15.42 -5.93
N ASP B 252 21.81 15.79 -5.50
CA ASP B 252 22.99 15.70 -6.34
C ASP B 252 23.70 14.35 -6.23
N ALA B 253 22.99 13.31 -5.80
CA ALA B 253 23.49 11.94 -5.75
C ALA B 253 24.71 11.80 -4.83
N THR B 254 24.81 12.66 -3.81
CA THR B 254 25.91 12.61 -2.87
C THR B 254 25.38 12.63 -1.45
N CYS B 255 26.02 11.85 -0.57
CA CYS B 255 25.74 11.87 0.86
C CYS B 255 26.98 12.38 1.58
N ARG B 256 26.79 13.15 2.64
CA ARG B 256 27.91 13.66 3.40
C ARG B 256 27.68 13.45 4.88
N LEU B 257 28.76 13.14 5.58
CA LEU B 257 28.75 13.02 7.04
C LEU B 257 29.34 14.29 7.63
N PHE B 258 28.54 15.02 8.38
CA PHE B 258 28.96 16.25 9.05
C PHE B 258 29.11 15.95 10.54
N ASP B 259 30.29 16.25 11.07
CA ASP B 259 30.47 16.24 12.52
C ASP B 259 29.65 17.36 13.13
N LEU B 260 29.04 17.10 14.28
CA LEU B 260 28.19 18.09 14.91
C LEU B 260 29.02 19.04 15.75
N ARG B 261 29.83 18.49 16.65
CA ARG B 261 30.62 19.34 17.54
C ARG B 261 31.86 19.91 16.88
N ALA B 262 32.22 19.44 15.68
CA ALA B 262 33.38 19.96 14.97
C ALA B 262 33.01 20.92 13.85
N ASP B 263 31.83 20.83 13.34
CA ASP B 263 31.33 21.78 12.32
C ASP B 263 32.15 21.68 11.07
N GLN B 264 32.41 20.46 10.64
CA GLN B 264 33.23 20.24 9.46
C GLN B 264 32.54 19.28 8.49
N GLU B 265 33.24 18.90 7.42
CA GLU B 265 32.74 17.95 6.44
C GLU B 265 33.68 16.76 6.38
N LEU B 266 33.15 15.57 6.59
CA LEU B 266 33.90 14.33 6.58
C LEU B 266 33.82 13.68 5.20
N MET B 267 34.22 12.40 5.14
CA MET B 267 34.23 11.67 3.89
C MET B 267 32.86 11.66 3.25
N THR B 268 32.83 11.80 1.92
CA THR B 268 31.60 11.90 1.16
C THR B 268 31.28 10.56 0.51
N TYR B 269 30.09 10.04 0.77
CA TYR B 269 29.63 8.78 0.20
C TYR B 269 28.90 9.09 -1.10
N SER B 270 29.58 8.82 -2.21
CA SER B 270 29.01 9.03 -3.54
C SER B 270 29.77 8.16 -4.53
N HIS B 271 29.16 7.97 -5.70
CA HIS B 271 29.76 7.18 -6.76
C HIS B 271 29.49 7.84 -8.10
N ASP B 272 30.43 7.67 -9.03
CA ASP B 272 30.28 8.22 -10.37
C ASP B 272 29.24 7.48 -11.19
N ASN B 273 28.79 6.30 -10.76
CA ASN B 273 27.78 5.53 -11.47
C ASN B 273 26.36 5.87 -11.00
N ILE B 274 26.21 6.82 -10.09
CA ILE B 274 24.91 7.23 -9.58
C ILE B 274 24.66 8.66 -10.02
N ILE B 275 23.55 8.87 -10.73
CA ILE B 275 23.17 10.20 -11.21
C ILE B 275 21.87 10.69 -10.61
N CYS B 276 21.26 9.88 -9.75
CA CYS B 276 20.00 10.24 -9.11
C CYS B 276 20.22 10.59 -7.65
N GLY B 277 19.44 11.51 -7.11
CA GLY B 277 19.64 11.96 -5.75
C GLY B 277 19.18 10.97 -4.71
N ILE B 278 19.31 11.37 -3.46
CA ILE B 278 18.96 10.56 -2.30
C ILE B 278 17.59 10.98 -1.80
N THR B 279 16.72 10.00 -1.57
CA THR B 279 15.40 10.27 -1.01
C THR B 279 15.32 9.99 0.49
N SER B 280 16.10 9.03 1.00
CA SER B 280 16.08 8.78 2.44
C SER B 280 17.46 8.30 2.88
N VAL B 281 17.76 8.54 4.16
CA VAL B 281 18.99 8.06 4.77
C VAL B 281 18.68 7.52 6.15
N SER B 282 19.51 6.58 6.60
CA SER B 282 19.39 5.99 7.92
C SER B 282 20.73 5.40 8.32
N PHE B 283 20.85 5.05 9.59
CA PHE B 283 22.07 4.45 10.12
C PHE B 283 21.77 3.11 10.78
N SER B 284 22.82 2.32 10.91
CA SER B 284 22.79 1.14 11.77
C SER B 284 23.07 1.55 13.21
N LYS B 285 22.68 0.68 14.14
CA LYS B 285 22.83 1.02 15.55
C LYS B 285 24.30 1.17 15.94
N SER B 286 25.16 0.31 15.41
CA SER B 286 26.60 0.48 15.64
C SER B 286 27.14 1.71 14.93
N GLY B 287 26.43 2.22 13.94
CA GLY B 287 26.90 3.33 13.14
C GLY B 287 27.90 2.95 12.06
N ARG B 288 28.18 1.65 11.89
CA ARG B 288 29.14 1.22 10.87
C ARG B 288 28.51 1.16 9.49
N LEU B 289 27.18 1.18 9.40
CA LEU B 289 26.47 1.10 8.13
C LEU B 289 25.60 2.34 7.95
N LEU B 290 25.83 3.06 6.86
CA LEU B 290 24.99 4.17 6.44
C LEU B 290 24.15 3.69 5.27
N LEU B 291 22.85 3.56 5.51
CA LEU B 291 21.96 3.06 4.47
C LEU B 291 21.35 4.26 3.76
N ALA B 292 21.20 4.18 2.45
CA ALA B 292 20.71 5.30 1.66
C ALA B 292 19.72 4.83 0.62
N GLY B 293 18.46 5.25 0.77
CA GLY B 293 17.44 4.97 -0.21
C GLY B 293 17.42 6.00 -1.32
N TYR B 294 17.77 5.56 -2.53
CA TYR B 294 17.98 6.41 -3.69
C TYR B 294 16.73 6.51 -4.57
N ASP B 295 16.91 7.06 -5.77
CA ASP B 295 15.78 7.19 -6.70
C ASP B 295 15.81 6.11 -7.76
N ASP B 296 16.98 5.52 -8.02
CA ASP B 296 17.08 4.54 -9.09
C ASP B 296 16.59 3.17 -8.66
N PHE B 297 15.38 3.13 -8.09
CA PHE B 297 14.68 1.88 -7.79
C PHE B 297 15.46 0.98 -6.84
N ASN B 298 16.51 1.50 -6.21
CA ASN B 298 17.40 0.67 -5.41
C ASN B 298 17.93 1.47 -4.24
N CYS B 299 18.13 0.78 -3.11
CA CYS B 299 18.72 1.36 -1.91
C CYS B 299 20.12 0.80 -1.73
N ASN B 300 21.08 1.70 -1.51
CA ASN B 300 22.48 1.33 -1.37
C ASN B 300 22.91 1.35 0.10
N VAL B 301 24.09 0.81 0.35
CA VAL B 301 24.66 0.77 1.69
C VAL B 301 26.07 1.34 1.60
N TRP B 302 26.59 1.79 2.73
CA TRP B 302 27.96 2.27 2.82
C TRP B 302 28.55 1.95 4.19
N ASP B 303 29.86 1.82 4.24
CA ASP B 303 30.57 1.80 5.51
C ASP B 303 30.82 3.24 5.92
N ALA B 304 30.05 3.72 6.90
CA ALA B 304 30.03 5.13 7.24
C ALA B 304 31.39 5.67 7.67
N LEU B 305 32.30 4.81 8.13
CA LEU B 305 33.63 5.26 8.50
C LEU B 305 34.60 5.31 7.33
N LYS B 306 34.23 4.75 6.17
CA LYS B 306 35.09 4.79 4.99
C LYS B 306 34.34 5.12 3.70
N ALA B 307 33.01 5.09 3.70
CA ALA B 307 32.19 5.43 2.54
C ALA B 307 32.54 4.54 1.34
N ASP B 308 32.28 3.24 1.51
CA ASP B 308 32.44 2.26 0.44
C ASP B 308 31.12 1.53 0.27
N ARG B 309 30.57 1.55 -0.94
CA ARG B 309 29.31 0.87 -1.24
C ARG B 309 29.56 -0.62 -1.37
N ALA B 310 29.26 -1.38 -0.33
CA ALA B 310 29.41 -2.83 -0.33
C ALA B 310 28.06 -3.45 0.03
N GLY B 311 27.21 -3.61 -0.97
CA GLY B 311 25.87 -4.17 -0.79
C GLY B 311 24.82 -3.23 -1.37
N VAL B 312 23.78 -3.82 -1.95
CA VAL B 312 22.67 -3.07 -2.54
C VAL B 312 21.38 -3.76 -2.15
N LEU B 313 20.38 -2.97 -1.76
CA LEU B 313 19.07 -3.50 -1.36
C LEU B 313 18.10 -3.30 -2.52
N ALA B 314 18.07 -4.26 -3.43
CA ALA B 314 17.17 -4.16 -4.58
C ALA B 314 15.71 -4.24 -4.15
N HIS B 316 13.36 -2.90 -5.10
CA HIS B 316 12.01 -2.41 -5.39
C HIS B 316 11.84 -2.12 -6.88
N ASP B 317 10.60 -1.84 -7.29
CA ASP B 317 10.32 -1.57 -8.70
C ASP B 317 10.12 -0.09 -8.99
N ASN B 318 10.27 0.76 -7.97
CA ASN B 318 10.04 2.19 -8.15
C ASN B 318 10.97 2.94 -7.21
N ARG B 319 10.85 4.28 -7.22
CA ARG B 319 11.72 5.13 -6.40
C ARG B 319 11.63 4.87 -4.92
N VAL B 320 12.73 4.43 -4.33
CA VAL B 320 12.77 4.15 -2.89
C VAL B 320 12.62 5.47 -2.15
N SER B 321 11.52 5.60 -1.39
CA SER B 321 11.16 6.88 -0.79
C SER B 321 11.39 6.97 0.71
N CYS B 322 11.51 5.82 1.35
CA CYS B 322 11.65 5.82 2.79
C CYS B 322 12.56 4.73 3.31
N LEU B 323 13.12 4.94 4.51
CA LEU B 323 14.07 3.98 5.05
C LEU B 323 14.03 4.01 6.57
N GLY B 324 14.19 2.85 7.20
CA GLY B 324 14.17 2.77 8.65
C GLY B 324 14.96 1.62 9.22
N VAL B 325 15.53 1.82 10.40
CA VAL B 325 16.31 0.78 11.09
C VAL B 325 15.78 0.65 12.51
N THR B 326 15.56 -0.58 12.95
CA THR B 326 15.01 -0.82 14.28
C THR B 326 15.96 -0.32 15.36
N ASP B 327 15.40 0.00 16.53
CA ASP B 327 16.20 0.51 17.63
C ASP B 327 17.18 -0.52 18.15
N ASP B 328 16.95 -1.81 17.91
CA ASP B 328 17.90 -2.85 18.25
C ASP B 328 18.74 -3.31 17.07
N GLY B 329 18.53 -2.71 15.89
CA GLY B 329 19.28 -3.10 14.71
C GLY B 329 18.91 -4.44 14.13
N MET B 330 17.73 -4.96 14.48
CA MET B 330 17.36 -6.31 14.03
C MET B 330 17.24 -6.37 12.51
N ALA B 331 16.65 -5.36 11.89
CA ALA B 331 16.43 -5.35 10.45
C ALA B 331 16.30 -3.93 9.94
N VAL B 332 16.24 -3.79 8.61
CA VAL B 332 16.07 -2.48 7.98
C VAL B 332 14.89 -2.57 7.00
N ALA B 333 13.94 -1.64 7.11
CA ALA B 333 12.78 -1.63 6.22
C ALA B 333 12.93 -0.52 5.20
N THR B 334 12.62 -0.84 3.95
CA THR B 334 12.72 0.09 2.83
C THR B 334 11.35 0.20 2.15
N GLY B 335 10.93 1.43 1.90
CA GLY B 335 9.71 1.68 1.16
C GLY B 335 10.01 2.33 -0.18
N SER B 336 9.07 2.21 -1.11
CA SER B 336 9.26 2.75 -2.44
C SER B 336 7.90 2.96 -3.08
N TRP B 337 7.90 3.67 -4.21
CA TRP B 337 6.64 4.04 -4.86
C TRP B 337 5.97 2.87 -5.57
N ASP B 338 6.46 1.64 -5.41
CA ASP B 338 5.76 0.47 -5.94
C ASP B 338 4.74 -0.09 -4.97
N SER B 339 4.31 0.76 -4.02
CA SER B 339 3.29 0.37 -3.03
C SER B 339 3.77 -0.70 -2.08
N PHE B 340 5.06 -1.00 -2.09
CA PHE B 340 5.56 -2.07 -1.24
C PHE B 340 6.55 -1.65 -0.19
N LEU B 341 6.57 -2.41 0.89
CA LEU B 341 7.50 -2.11 1.98
C LEU B 341 8.19 -3.40 2.38
N LYS B 342 9.51 -3.45 2.21
CA LYS B 342 10.27 -4.68 2.34
C LYS B 342 11.22 -4.60 3.54
N ILE B 343 11.23 -5.66 4.35
CA ILE B 343 12.11 -5.76 5.51
C ILE B 343 13.27 -6.67 5.15
N TRP B 344 14.48 -6.24 5.48
CA TRP B 344 15.71 -6.91 5.10
C TRP B 344 16.58 -7.17 6.32
N ASN B 345 17.19 -8.34 6.37
CA ASN B 345 18.15 -8.68 7.42
C ASN B 345 19.47 -9.11 6.82
N ALA C 23 7.59 -41.53 -38.61
CA ALA C 23 8.55 -41.04 -37.63
C ALA C 23 8.69 -39.52 -37.73
N SER C 24 8.83 -39.01 -38.95
CA SER C 24 8.97 -37.57 -39.15
C SER C 24 7.70 -36.84 -38.74
N LEU C 25 6.53 -37.38 -39.09
CA LEU C 25 5.28 -36.76 -38.70
C LEU C 25 5.12 -36.73 -37.18
N TYR C 26 5.47 -37.83 -36.52
CA TYR C 26 5.34 -37.88 -35.07
C TYR C 26 6.19 -36.80 -34.40
N SER C 27 7.46 -36.69 -34.79
CA SER C 27 8.32 -35.66 -34.21
C SER C 27 7.82 -34.26 -34.54
N LEU C 28 7.41 -34.04 -35.78
CA LEU C 28 6.91 -32.73 -36.18
C LEU C 28 5.72 -32.31 -35.33
N MET C 29 4.72 -33.19 -35.23
CA MET C 29 3.54 -32.89 -34.42
C MET C 29 3.91 -32.72 -32.94
N SER C 30 4.73 -33.62 -32.41
CA SER C 30 5.05 -33.59 -30.97
C SER C 30 5.85 -32.35 -30.61
N LEU C 31 6.56 -31.76 -31.57
CA LEU C 31 7.42 -30.61 -31.28
C LEU C 31 6.66 -29.47 -30.61
N ILE C 32 5.38 -29.31 -30.90
CA ILE C 32 4.61 -28.21 -30.31
C ILE C 32 4.21 -28.46 -28.88
N ILE C 33 4.17 -29.72 -28.43
CA ILE C 33 3.73 -30.01 -27.06
C ILE C 33 4.69 -29.40 -26.05
N LEU C 34 5.99 -29.66 -26.21
CA LEU C 34 6.98 -29.16 -25.27
C LEU C 34 7.04 -27.63 -25.32
N ALA C 35 6.93 -27.05 -26.51
CA ALA C 35 6.92 -25.61 -26.63
C ALA C 35 5.74 -25.01 -25.88
N THR C 36 4.56 -25.62 -26.01
CA THR C 36 3.39 -25.16 -25.28
C THR C 36 3.64 -25.23 -23.77
N LEU C 37 4.15 -26.37 -23.31
CA LEU C 37 4.33 -26.57 -21.87
C LEU C 37 5.32 -25.55 -21.31
N VAL C 38 6.46 -25.39 -21.98
CA VAL C 38 7.48 -24.46 -21.51
C VAL C 38 6.99 -23.02 -21.56
N GLY C 39 6.23 -22.68 -22.59
CA GLY C 39 5.70 -21.34 -22.69
C GLY C 39 4.69 -21.04 -21.59
N ASN C 40 3.68 -21.85 -21.39
CA ASN C 40 2.73 -21.39 -20.36
C ASN C 40 3.35 -21.27 -19.00
N LEU C 41 4.45 -21.98 -18.80
CA LEU C 41 5.09 -21.77 -17.52
C LEU C 41 5.27 -20.28 -17.35
N ILE C 42 5.58 -19.57 -18.42
CA ILE C 42 5.84 -18.13 -18.27
C ILE C 42 4.65 -17.39 -17.65
N VAL C 43 3.46 -17.49 -18.25
CA VAL C 43 2.28 -16.74 -17.74
C VAL C 43 1.91 -17.15 -16.33
N ILE C 44 2.27 -18.34 -15.99
CA ILE C 44 2.05 -18.84 -14.65
C ILE C 44 3.12 -18.36 -13.68
N ILE C 45 4.36 -18.41 -14.08
CA ILE C 45 5.46 -18.04 -13.23
C ILE C 45 5.67 -16.52 -13.19
N SER C 46 5.35 -15.80 -14.26
CA SER C 46 5.41 -14.34 -14.29
C SER C 46 4.27 -13.72 -13.53
N ILE C 47 3.18 -14.48 -13.44
CA ILE C 47 2.02 -13.93 -12.80
C ILE C 47 1.77 -14.35 -11.37
N SER C 48 1.78 -15.63 -11.05
CA SER C 48 1.45 -15.97 -9.67
C SER C 48 2.57 -15.55 -8.72
N HIS C 49 3.82 -15.41 -9.18
CA HIS C 49 4.89 -14.86 -8.36
C HIS C 49 4.62 -13.39 -8.24
N PHE C 50 4.06 -12.91 -9.35
CA PHE C 50 3.77 -11.52 -9.56
C PHE C 50 2.51 -10.87 -9.01
N LYS C 51 2.82 -9.69 -8.54
CA LYS C 51 2.03 -8.62 -8.04
C LYS C 51 2.58 -7.46 -8.87
N GLN C 52 3.64 -7.65 -9.65
CA GLN C 52 4.07 -6.58 -10.55
C GLN C 52 3.08 -6.75 -11.67
N LEU C 53 2.47 -7.95 -11.74
CA LEU C 53 1.46 -8.23 -12.75
C LEU C 53 0.26 -8.94 -12.13
N HIS C 54 -0.33 -8.37 -11.09
CA HIS C 54 -1.52 -8.98 -10.47
C HIS C 54 -2.80 -8.42 -11.05
N THR C 55 -2.68 -7.51 -12.00
CA THR C 55 -3.86 -6.86 -12.59
C THR C 55 -5.00 -7.77 -13.08
N PRO C 56 -6.29 -7.35 -12.92
CA PRO C 56 -7.32 -8.26 -13.44
C PRO C 56 -7.04 -8.83 -14.82
N THR C 57 -6.42 -8.05 -15.71
CA THR C 57 -6.22 -8.54 -17.07
C THR C 57 -5.30 -9.76 -17.10
N ASN C 58 -4.23 -9.73 -16.31
CA ASN C 58 -3.28 -10.82 -16.17
C ASN C 58 -3.92 -12.18 -15.88
N TRP C 59 -4.98 -12.18 -15.06
CA TRP C 59 -5.57 -13.44 -14.61
C TRP C 59 -6.15 -14.24 -15.77
N LEU C 60 -6.70 -13.56 -16.77
CA LEU C 60 -7.20 -14.26 -17.95
C LEU C 60 -6.07 -15.00 -18.66
N LEU C 61 -4.92 -14.34 -18.82
CA LEU C 61 -3.77 -15.01 -19.44
C LEU C 61 -3.27 -16.16 -18.57
N HIS C 62 -3.35 -15.97 -17.26
CA HIS C 62 -2.94 -17.00 -16.30
C HIS C 62 -3.80 -18.24 -16.45
N SER C 63 -5.11 -18.08 -16.54
CA SER C 63 -6.04 -19.20 -16.66
C SER C 63 -5.93 -19.85 -18.04
N MET C 64 -5.72 -19.05 -19.09
CA MET C 64 -5.56 -19.63 -20.41
C MET C 64 -4.25 -20.41 -20.53
N ALA C 65 -3.19 -19.94 -19.88
CA ALA C 65 -1.96 -20.70 -19.84
C ALA C 65 -2.19 -22.05 -19.18
N ILE C 66 -2.95 -22.06 -18.08
CA ILE C 66 -3.34 -23.33 -17.46
C ILE C 66 -4.11 -24.19 -18.45
N VAL C 67 -5.05 -23.59 -19.20
CA VAL C 67 -5.87 -24.35 -20.13
C VAL C 67 -5.00 -25.05 -21.16
N ASP C 68 -4.11 -24.28 -21.79
CA ASP C 68 -3.26 -24.85 -22.84
C ASP C 68 -2.29 -25.86 -22.26
N PHE C 69 -1.88 -25.66 -21.00
CA PHE C 69 -0.97 -26.61 -20.36
C PHE C 69 -1.64 -27.97 -20.18
N LEU C 70 -2.87 -27.94 -19.72
CA LEU C 70 -3.64 -29.14 -19.63
C LEU C 70 -3.60 -29.69 -21.00
N LEU C 71 -4.04 -28.93 -21.95
CA LEU C 71 -4.21 -29.40 -23.32
C LEU C 71 -2.91 -30.00 -23.85
N CYS C 73 -0.53 -31.59 -21.84
CA CYS C 73 0.08 -32.70 -21.11
C CYS C 73 -0.79 -33.94 -21.17
N LEU C 74 -2.10 -33.78 -21.28
CA LEU C 74 -3.00 -34.92 -21.38
C LEU C 74 -3.35 -35.21 -22.83
N ILE C 75 -4.03 -34.27 -23.48
CA ILE C 75 -4.49 -34.42 -24.86
C ILE C 75 -3.31 -34.56 -25.81
N MET C 76 -2.45 -33.55 -25.82
CA MET C 76 -1.43 -33.32 -26.84
C MET C 76 -0.44 -34.49 -26.97
N PRO C 77 0.18 -35.00 -25.89
CA PRO C 77 0.95 -36.24 -26.03
C PRO C 77 0.13 -37.42 -26.54
N CYS C 78 -1.12 -37.56 -26.06
CA CYS C 78 -1.96 -38.67 -26.49
C CYS C 78 -2.23 -38.61 -27.98
N SER C 79 -2.58 -37.42 -28.48
CA SER C 79 -2.78 -37.25 -29.92
C SER C 79 -1.50 -37.38 -30.71
N MET C 80 -0.34 -37.18 -30.08
CA MET C 80 0.92 -37.48 -30.77
C MET C 80 1.02 -38.97 -31.07
N VAL C 81 0.68 -39.81 -30.09
CA VAL C 81 0.69 -41.26 -30.31
C VAL C 81 -0.42 -41.65 -31.28
N ARG C 82 -1.58 -40.99 -31.19
CA ARG C 82 -2.73 -41.35 -32.01
C ARG C 82 -2.43 -41.23 -33.51
N THR C 83 -1.42 -40.46 -33.89
CA THR C 83 -1.10 -40.29 -35.30
C THR C 83 0.28 -40.85 -35.64
N GLU C 85 1.12 -44.60 -35.45
CA GLU C 85 0.07 -45.59 -35.27
C GLU C 85 -1.29 -44.98 -35.58
N ARG C 86 -1.82 -45.24 -36.77
CA ARG C 86 -3.13 -44.70 -37.17
C ARG C 86 -4.27 -45.31 -36.37
N CYS C 87 -3.97 -46.05 -35.31
CA CYS C 87 -4.99 -46.67 -34.51
C CYS C 87 -4.86 -46.26 -33.04
N TRP C 88 -6.00 -46.19 -32.35
CA TRP C 88 -6.05 -45.81 -30.95
C TRP C 88 -5.87 -47.07 -30.09
N TYR C 89 -4.61 -47.48 -29.97
CA TYR C 89 -4.27 -48.65 -29.17
C TYR C 89 -4.51 -48.40 -27.68
N PHE C 90 -4.55 -47.13 -27.26
CA PHE C 90 -4.63 -46.81 -25.85
C PHE C 90 -5.87 -47.38 -25.18
N GLY C 91 -6.92 -47.69 -25.94
CA GLY C 91 -8.08 -48.35 -25.37
C GLY C 91 -9.40 -47.67 -25.64
N GLU C 92 -10.38 -48.45 -26.11
CA GLU C 92 -11.71 -47.93 -26.39
C GLU C 92 -12.37 -47.32 -25.17
N ILE C 93 -11.95 -47.70 -23.96
CA ILE C 93 -12.56 -47.18 -22.75
C ILE C 93 -12.31 -45.68 -22.63
N LEU C 94 -11.07 -45.25 -22.86
CA LEU C 94 -10.69 -43.85 -22.75
C LEU C 94 -11.22 -42.99 -23.89
N CYS C 95 -11.94 -43.56 -24.86
CA CYS C 95 -12.26 -42.86 -26.10
C CYS C 95 -13.04 -41.57 -25.84
N LYS C 96 -14.24 -41.71 -25.28
CA LYS C 96 -15.13 -40.56 -25.11
C LYS C 96 -14.51 -39.53 -24.18
N VAL C 97 -13.84 -40.00 -23.12
CA VAL C 97 -13.20 -39.07 -22.18
C VAL C 97 -12.12 -38.26 -22.90
N HIS C 98 -11.29 -38.91 -23.70
CA HIS C 98 -10.21 -38.21 -24.39
C HIS C 98 -10.79 -37.16 -25.35
N THR C 99 -11.79 -37.56 -26.14
CA THR C 99 -12.39 -36.60 -27.06
C THR C 99 -13.06 -35.45 -26.32
N SER C 100 -13.76 -35.76 -25.22
CA SER C 100 -14.46 -34.72 -24.47
C SER C 100 -13.48 -33.73 -23.86
N THR C 101 -12.34 -34.29 -23.51
CA THR C 101 -11.35 -33.40 -23.01
C THR C 101 -10.92 -32.48 -24.13
N ASP C 102 -10.64 -32.90 -25.36
CA ASP C 102 -10.17 -31.89 -26.33
C ASP C 102 -11.14 -30.86 -26.66
N ILE C 103 -12.38 -31.22 -26.88
CA ILE C 103 -13.34 -30.19 -27.11
C ILE C 103 -13.43 -29.27 -25.94
N MET C 104 -13.49 -29.78 -24.74
CA MET C 104 -13.66 -28.86 -23.66
C MET C 104 -12.49 -27.96 -23.56
N LEU C 105 -11.28 -28.53 -23.60
CA LEU C 105 -10.07 -27.74 -23.43
C LEU C 105 -9.75 -26.78 -24.55
N SER C 106 -10.35 -26.97 -25.71
CA SER C 106 -10.11 -26.00 -26.79
C SER C 106 -11.21 -25.01 -26.86
N SER C 107 -12.45 -25.46 -26.69
CA SER C 107 -13.48 -24.51 -26.55
C SER C 107 -13.04 -23.58 -25.49
N ALA C 108 -12.34 -24.08 -24.46
CA ALA C 108 -11.79 -23.25 -23.40
C ALA C 108 -10.78 -22.28 -23.89
N SER C 109 -9.91 -22.70 -24.77
CA SER C 109 -9.03 -21.71 -25.34
C SER C 109 -9.81 -20.67 -26.11
N ILE C 110 -10.72 -21.05 -26.95
CA ILE C 110 -11.34 -20.06 -27.76
C ILE C 110 -11.99 -19.14 -26.84
N PHE C 111 -12.84 -19.58 -26.00
CA PHE C 111 -13.61 -18.67 -25.16
C PHE C 111 -12.69 -17.72 -24.40
N HIS C 112 -11.53 -18.20 -23.97
CA HIS C 112 -10.58 -17.31 -23.29
C HIS C 112 -10.16 -16.21 -24.24
N LEU C 113 -9.77 -16.58 -25.46
CA LEU C 113 -9.47 -15.54 -26.45
C LEU C 113 -10.64 -14.58 -26.65
N ALA C 114 -11.87 -15.10 -26.63
CA ALA C 114 -13.02 -14.23 -26.78
C ALA C 114 -13.11 -13.22 -25.65
N PHE C 115 -12.97 -13.69 -24.40
CA PHE C 115 -13.01 -12.76 -23.27
C PHE C 115 -11.80 -11.83 -23.24
N ILE C 116 -10.65 -12.28 -23.74
CA ILE C 116 -9.51 -11.37 -23.84
C ILE C 116 -9.80 -10.27 -24.84
N SER C 117 -10.42 -10.61 -25.97
CA SER C 117 -10.87 -9.58 -26.90
C SER C 117 -11.87 -8.64 -26.24
N ILE C 118 -12.75 -9.20 -25.40
CA ILE C 118 -13.73 -8.38 -24.69
C ILE C 118 -13.05 -7.39 -23.77
N ASP C 119 -12.08 -7.84 -22.98
CA ASP C 119 -11.44 -6.93 -22.02
C ASP C 119 -10.56 -5.92 -22.74
N ARG C 120 -10.06 -6.26 -23.92
CA ARG C 120 -9.21 -5.35 -24.66
C ARG C 120 -10.12 -4.38 -25.40
N TYR C 121 -11.39 -4.75 -25.50
CA TYR C 121 -12.34 -3.87 -26.18
C TYR C 121 -13.01 -2.93 -25.20
N CYS C 122 -12.74 -3.06 -23.91
CA CYS C 122 -13.20 -2.12 -22.91
C CYS C 122 -11.98 -1.42 -22.30
N ALA C 123 -10.86 -1.50 -23.01
CA ALA C 123 -9.66 -0.74 -22.72
C ALA C 123 -9.28 0.22 -23.82
N VAL C 124 -9.85 0.10 -25.04
CA VAL C 124 -9.52 0.88 -26.19
C VAL C 124 -10.78 1.36 -26.74
N CYS C 125 -11.89 1.00 -26.25
CA CYS C 125 -13.14 1.56 -26.68
C CYS C 125 -13.95 2.14 -25.53
N ASP C 126 -13.44 2.05 -24.30
CA ASP C 126 -14.07 2.60 -23.11
C ASP C 126 -12.98 2.69 -22.03
N PRO C 127 -12.09 3.67 -22.12
CA PRO C 127 -10.88 3.66 -21.27
C PRO C 127 -11.01 4.37 -19.93
N LEU C 128 -12.13 5.04 -19.67
CA LEU C 128 -12.34 5.65 -18.37
C LEU C 128 -12.91 4.63 -17.43
N ARG C 129 -13.82 3.82 -17.95
CA ARG C 129 -14.44 2.80 -17.12
C ARG C 129 -13.74 1.47 -17.35
N TYR C 130 -12.58 1.49 -18.00
CA TYR C 130 -11.94 0.19 -18.31
C TYR C 130 -11.79 -0.70 -17.08
N LYS C 131 -11.41 -0.09 -15.97
CA LYS C 131 -11.16 -0.85 -14.73
C LYS C 131 -12.39 -1.15 -13.89
N ALA C 132 -13.36 -0.25 -13.91
CA ALA C 132 -14.57 -0.42 -13.12
C ALA C 132 -15.49 -1.53 -13.64
N LYS C 133 -15.37 -1.91 -14.91
CA LYS C 133 -16.14 -3.03 -15.44
C LYS C 133 -15.22 -4.08 -16.05
N ILE C 134 -13.94 -4.04 -15.72
CA ILE C 134 -13.02 -5.16 -15.91
C ILE C 134 -12.17 -5.21 -14.64
N ASN C 135 -12.34 -6.28 -13.87
CA ASN C 135 -11.79 -6.37 -12.52
C ASN C 135 -11.86 -7.82 -12.07
N ILE C 136 -11.20 -8.08 -10.93
CA ILE C 136 -11.04 -9.46 -10.46
C ILE C 136 -12.36 -10.17 -10.29
N SER C 137 -13.40 -9.46 -9.87
CA SER C 137 -14.70 -10.09 -9.70
C SER C 137 -15.33 -10.45 -11.04
N THR C 138 -15.22 -9.57 -12.04
CA THR C 138 -15.67 -9.91 -13.38
C THR C 138 -14.80 -11.00 -14.01
N ILE C 139 -13.49 -10.94 -13.75
CA ILE C 139 -12.57 -11.91 -14.34
C ILE C 139 -12.85 -13.31 -13.82
N LEU C 140 -13.19 -13.43 -12.53
CA LEU C 140 -13.60 -14.73 -12.01
C LEU C 140 -14.90 -15.26 -12.58
N VAL C 141 -15.74 -14.37 -13.13
CA VAL C 141 -16.98 -14.82 -13.74
C VAL C 141 -16.59 -15.31 -15.13
N MET C 142 -15.73 -14.56 -15.81
CA MET C 142 -15.31 -14.93 -17.16
C MET C 142 -14.52 -16.23 -17.18
N ILE C 143 -13.78 -16.51 -16.11
CA ILE C 143 -13.04 -17.77 -16.04
C ILE C 143 -13.96 -18.95 -15.72
N LEU C 144 -14.87 -18.79 -14.75
CA LEU C 144 -15.77 -19.89 -14.43
C LEU C 144 -16.69 -20.24 -15.60
N VAL C 145 -17.18 -19.24 -16.33
CA VAL C 145 -18.02 -19.54 -17.48
C VAL C 145 -17.23 -20.32 -18.53
N SER C 146 -15.98 -19.91 -18.77
CA SER C 146 -15.14 -20.56 -19.79
C SER C 146 -14.71 -21.97 -19.40
N TRP C 147 -14.54 -22.24 -18.10
CA TRP C 147 -14.24 -23.60 -17.67
C TRP C 147 -15.49 -24.45 -17.47
N SER C 148 -16.67 -23.83 -17.37
CA SER C 148 -17.90 -24.58 -17.15
C SER C 148 -18.58 -24.97 -18.45
N LEU C 149 -18.94 -23.98 -19.28
CA LEU C 149 -19.77 -24.27 -20.45
C LEU C 149 -19.09 -25.25 -21.42
N PRO C 150 -17.80 -25.02 -21.80
CA PRO C 150 -17.21 -26.07 -22.62
C PRO C 150 -17.21 -27.45 -21.95
N ALA C 151 -16.82 -27.53 -20.68
CA ALA C 151 -16.75 -28.82 -19.99
C ALA C 151 -18.11 -29.51 -19.98
N VAL C 152 -19.14 -28.80 -19.54
CA VAL C 152 -20.47 -29.40 -19.43
C VAL C 152 -20.97 -29.81 -20.81
N TYR C 153 -20.82 -28.92 -21.80
CA TYR C 153 -21.33 -29.20 -23.13
C TYR C 153 -20.62 -30.39 -23.77
N ALA C 154 -19.28 -30.44 -23.65
CA ALA C 154 -18.52 -31.51 -24.27
C ALA C 154 -18.83 -32.86 -23.60
N PHE C 155 -18.80 -32.90 -22.26
CA PHE C 155 -19.06 -34.16 -21.58
C PHE C 155 -20.50 -34.62 -21.78
N GLY C 156 -21.44 -33.68 -21.85
CA GLY C 156 -22.80 -34.04 -22.19
C GLY C 156 -22.95 -34.59 -23.59
N MET C 157 -22.11 -34.12 -24.52
CA MET C 157 -22.24 -34.46 -25.93
C MET C 157 -21.12 -35.35 -26.43
N ILE C 158 -20.44 -36.06 -25.53
CA ILE C 158 -19.42 -37.02 -25.95
C ILE C 158 -19.77 -38.39 -25.39
N PHE C 159 -20.45 -38.42 -24.25
CA PHE C 159 -20.87 -39.68 -23.65
C PHE C 159 -22.23 -40.10 -24.19
N LEU C 162 -23.94 -37.57 -26.00
CA LEU C 162 -24.95 -37.50 -27.05
C LEU C 162 -24.34 -36.89 -28.30
N ASN C 163 -23.29 -37.52 -28.84
CA ASN C 163 -22.65 -37.01 -30.03
C ASN C 163 -23.54 -37.24 -31.26
N LEU C 164 -24.07 -38.44 -31.39
CA LEU C 164 -24.86 -38.81 -32.56
C LEU C 164 -25.92 -39.84 -32.17
N VAL C 167 -26.86 -41.76 -36.21
CA VAL C 167 -26.05 -41.95 -37.42
C VAL C 167 -24.82 -42.80 -37.08
N GLU C 168 -25.01 -43.74 -36.16
CA GLU C 168 -23.92 -44.63 -35.78
C GLU C 168 -23.50 -45.52 -36.92
N GLU C 169 -24.39 -45.71 -37.87
CA GLU C 169 -24.03 -46.50 -39.03
C GLU C 169 -22.86 -45.83 -39.69
N LEU C 170 -22.93 -44.51 -39.83
CA LEU C 170 -21.81 -43.79 -40.41
C LEU C 170 -20.63 -43.89 -39.49
N TYR C 171 -20.86 -43.80 -38.20
CA TYR C 171 -19.78 -43.96 -37.27
C TYR C 171 -19.20 -45.34 -37.42
N SER C 173 -18.78 -48.46 -42.14
CA SER C 173 -18.69 -47.64 -40.95
C SER C 173 -17.37 -46.91 -40.86
N GLN C 174 -17.35 -45.78 -40.17
CA GLN C 174 -16.11 -45.00 -40.04
C GLN C 174 -15.57 -45.07 -38.62
N VAL C 175 -16.32 -44.56 -37.64
CA VAL C 175 -15.86 -44.66 -36.27
C VAL C 175 -15.77 -46.11 -35.82
N SER C 176 -16.74 -46.93 -36.19
CA SER C 176 -16.77 -48.29 -35.69
C SER C 176 -15.70 -49.19 -36.25
N ASP C 177 -15.28 -48.95 -37.47
CA ASP C 177 -14.35 -49.86 -38.13
C ASP C 177 -12.98 -50.09 -37.57
N LEU C 178 -12.24 -49.05 -37.22
CA LEU C 178 -10.87 -49.31 -36.80
C LEU C 178 -10.48 -48.77 -35.46
N GLY C 179 -11.35 -47.97 -34.86
CA GLY C 179 -10.96 -47.35 -33.64
C GLY C 179 -9.81 -46.45 -34.05
N CYS C 181 -12.88 -43.58 -32.16
CA CYS C 181 -11.61 -42.98 -31.81
C CYS C 181 -11.61 -41.50 -32.04
N SER C 182 -11.32 -41.10 -33.27
CA SER C 182 -11.24 -39.68 -33.60
C SER C 182 -12.57 -39.08 -33.60
N PRO C 183 -12.66 -37.91 -33.00
CA PRO C 183 -14.01 -37.42 -32.94
C PRO C 183 -14.50 -37.06 -34.26
N PHE C 184 -15.75 -37.36 -34.54
CA PHE C 184 -16.33 -36.85 -35.77
C PHE C 184 -17.80 -36.68 -35.47
N PHE C 185 -18.45 -35.83 -36.21
CA PHE C 185 -19.85 -35.50 -35.89
C PHE C 185 -20.78 -35.69 -37.03
N SER C 186 -21.97 -35.10 -36.93
CA SER C 186 -22.94 -35.20 -37.99
C SER C 186 -23.75 -33.96 -38.00
N LYS C 187 -24.50 -33.73 -39.08
CA LYS C 187 -25.33 -32.53 -39.19
C LYS C 187 -26.11 -32.21 -37.94
N VAL C 188 -26.70 -33.23 -37.33
CA VAL C 188 -27.39 -32.95 -36.07
C VAL C 188 -26.49 -32.16 -35.13
N SER C 189 -25.26 -32.65 -34.92
CA SER C 189 -24.37 -32.08 -33.92
C SER C 189 -23.24 -31.26 -34.49
N GLY C 190 -22.98 -31.32 -35.80
CA GLY C 190 -21.91 -30.51 -36.37
C GLY C 190 -22.22 -29.02 -36.32
N VAL C 191 -23.49 -28.67 -36.51
CA VAL C 191 -23.89 -27.27 -36.42
C VAL C 191 -23.64 -26.73 -35.02
N LEU C 192 -24.05 -27.49 -34.00
CA LEU C 192 -23.75 -27.06 -32.63
C LEU C 192 -22.26 -27.06 -32.35
N ALA C 193 -21.49 -27.94 -33.00
CA ALA C 193 -20.06 -28.01 -32.75
C ALA C 193 -19.33 -26.82 -33.33
N PHE C 194 -19.77 -26.32 -34.49
CA PHE C 194 -18.98 -25.31 -35.19
C PHE C 194 -19.75 -24.02 -35.49
N THR C 196 -21.48 -22.21 -32.46
CA THR C 196 -21.16 -21.51 -31.22
C THR C 196 -19.65 -21.24 -31.11
N SER C 197 -18.86 -22.31 -31.03
CA SER C 197 -17.47 -22.19 -30.63
C SER C 197 -16.68 -21.34 -31.61
N PHE C 198 -16.89 -21.54 -32.91
CA PHE C 198 -16.12 -20.77 -33.89
C PHE C 198 -16.74 -19.40 -34.12
N ILE C 200 -19.34 -17.48 -32.61
CA ILE C 200 -19.71 -16.46 -31.62
C ILE C 200 -18.43 -15.80 -31.10
N PRO C 201 -17.41 -16.55 -30.65
CA PRO C 201 -16.11 -15.90 -30.45
C PRO C 201 -15.55 -15.27 -31.71
N GLY C 202 -15.73 -15.91 -32.87
CA GLY C 202 -15.22 -15.32 -34.09
C GLY C 202 -15.88 -14.00 -34.44
N SER C 203 -17.21 -13.94 -34.34
CA SER C 203 -17.91 -12.69 -34.61
C SER C 203 -17.54 -11.62 -33.59
N VAL C 204 -17.43 -11.99 -32.32
CA VAL C 204 -17.01 -11.01 -31.31
C VAL C 204 -15.63 -10.47 -31.64
N MET C 205 -14.70 -11.37 -31.98
CA MET C 205 -13.33 -10.95 -32.30
C MET C 205 -13.31 -10.02 -33.50
N LEU C 206 -14.05 -10.36 -34.56
CA LEU C 206 -14.01 -9.55 -35.76
C LEU C 206 -14.62 -8.18 -35.53
N PHE C 207 -15.76 -8.12 -34.83
CA PHE C 207 -16.34 -6.81 -34.51
C PHE C 207 -15.37 -5.98 -33.67
N VAL C 208 -14.82 -6.60 -32.63
CA VAL C 208 -13.90 -5.89 -31.76
C VAL C 208 -12.66 -5.38 -32.49
N TYR C 209 -12.06 -6.20 -33.35
CA TYR C 209 -10.82 -5.79 -34.02
C TYR C 209 -11.09 -4.85 -35.17
N TYR C 210 -12.27 -4.89 -35.81
CA TYR C 210 -12.50 -3.86 -36.84
C TYR C 210 -12.76 -2.52 -36.15
N ARG C 211 -13.45 -2.53 -35.00
CA ARG C 211 -13.59 -1.26 -34.28
C ARG C 211 -12.24 -0.75 -33.80
N ILE C 212 -11.39 -1.64 -33.28
CA ILE C 212 -10.11 -1.23 -32.73
C ILE C 212 -9.20 -0.70 -33.84
N TYR C 213 -9.22 -1.36 -35.00
CA TYR C 213 -8.48 -0.86 -36.15
C TYR C 213 -8.98 0.51 -36.56
N PHE C 214 -10.31 0.69 -36.64
CA PHE C 214 -10.84 1.98 -37.06
C PHE C 214 -10.39 3.08 -36.11
N ILE C 215 -10.48 2.84 -34.81
CA ILE C 215 -10.13 3.88 -33.84
C ILE C 215 -8.64 4.17 -33.86
N ALA C 216 -7.81 3.11 -33.79
CA ALA C 216 -6.37 3.30 -33.75
C ALA C 216 -5.85 3.96 -35.04
N LYS C 217 -6.40 3.57 -36.19
CA LYS C 217 -6.01 4.22 -37.44
C LYS C 217 -6.45 5.68 -37.45
N GLY C 218 -7.62 5.97 -36.88
CA GLY C 218 -8.06 7.36 -36.79
C GLY C 218 -7.18 8.22 -35.88
N GLN C 219 -6.66 7.62 -34.81
CA GLN C 219 -5.89 8.39 -33.82
C GLN C 219 -4.70 9.11 -34.43
N ALA C 220 -3.91 8.41 -35.24
CA ALA C 220 -2.72 8.99 -35.85
C ALA C 220 -3.10 9.91 -37.00
N LYS C 245 2.70 -1.03 -35.14
CA LYS C 245 1.48 -0.25 -35.29
C LYS C 245 0.26 -1.07 -34.95
N ALA C 246 -0.92 -0.43 -35.01
CA ALA C 246 -2.17 -1.14 -34.80
C ALA C 246 -2.39 -2.20 -35.87
N ALA C 247 -2.09 -1.85 -37.12
CA ALA C 247 -2.41 -2.74 -38.23
C ALA C 247 -1.65 -4.06 -38.11
N LYS C 248 -0.35 -4.01 -37.86
CA LYS C 248 0.45 -5.23 -37.80
C LYS C 248 0.00 -6.13 -36.65
N THR C 249 -0.16 -5.55 -35.45
CA THR C 249 -0.55 -6.35 -34.30
C THR C 249 -1.94 -6.95 -34.49
N LEU C 250 -2.89 -6.15 -34.94
CA LEU C 250 -4.21 -6.69 -35.12
C LEU C 250 -4.20 -7.78 -36.17
N GLY C 251 -3.56 -7.50 -37.30
CA GLY C 251 -3.54 -8.50 -38.36
C GLY C 251 -2.96 -9.81 -37.89
N ILE C 252 -1.84 -9.77 -37.18
CA ILE C 252 -1.24 -11.03 -36.72
C ILE C 252 -2.14 -11.71 -35.70
N MET C 253 -2.74 -10.95 -34.78
CA MET C 253 -3.60 -11.56 -33.77
C MET C 253 -4.81 -12.24 -34.41
N VAL C 254 -5.46 -11.58 -35.37
CA VAL C 254 -6.62 -12.21 -36.00
C VAL C 254 -6.18 -13.34 -36.92
N GLY C 255 -5.06 -13.18 -37.62
CA GLY C 255 -4.63 -14.19 -38.58
C GLY C 255 -4.19 -15.49 -37.92
N VAL C 256 -3.43 -15.39 -36.82
CA VAL C 256 -3.01 -16.59 -36.11
C VAL C 256 -4.21 -17.43 -35.74
N PHE C 257 -5.27 -16.78 -35.23
CA PHE C 257 -6.51 -17.46 -34.91
C PHE C 257 -7.15 -18.08 -36.15
N LEU C 258 -7.33 -17.27 -37.20
CA LEU C 258 -8.11 -17.69 -38.35
C LEU C 258 -7.45 -18.84 -39.10
N VAL C 259 -6.17 -18.70 -39.43
CA VAL C 259 -5.51 -19.67 -40.32
C VAL C 259 -5.61 -21.07 -39.74
N CYS C 260 -5.48 -21.20 -38.41
CA CYS C 260 -5.61 -22.50 -37.79
C CYS C 260 -7.06 -22.96 -37.71
N TRP C 261 -7.94 -22.15 -37.12
CA TRP C 261 -9.29 -22.65 -36.84
C TRP C 261 -10.16 -22.83 -38.09
N CYS C 262 -10.02 -21.96 -39.09
CA CYS C 262 -10.99 -21.93 -40.17
C CYS C 262 -11.09 -23.23 -40.97
N PRO C 263 -10.00 -23.81 -41.47
CA PRO C 263 -10.15 -24.99 -42.35
C PRO C 263 -10.72 -26.21 -41.67
N PHE C 264 -10.23 -26.55 -40.46
CA PHE C 264 -10.72 -27.75 -39.80
C PHE C 264 -12.21 -27.64 -39.53
N PHE C 265 -12.65 -26.49 -39.04
CA PHE C 265 -14.06 -26.32 -38.70
C PHE C 265 -14.92 -26.28 -39.97
N LEU C 266 -14.40 -25.67 -41.04
CA LEU C 266 -15.14 -25.65 -42.30
C LEU C 266 -15.35 -27.05 -42.85
N CYS C 267 -14.29 -27.87 -42.82
CA CYS C 267 -14.43 -29.26 -43.25
C CYS C 267 -15.38 -30.03 -42.35
N THR C 268 -15.30 -29.79 -41.04
CA THR C 268 -16.19 -30.48 -40.10
C THR C 268 -17.65 -30.20 -40.44
N LEU C 270 -18.64 -29.32 -43.42
CA LEU C 270 -18.90 -29.81 -44.77
C LEU C 270 -19.10 -31.32 -44.80
N ASP C 271 -18.50 -32.03 -43.85
CA ASP C 271 -18.53 -33.50 -43.89
C ASP C 271 -19.93 -34.11 -43.95
N PRO C 272 -20.94 -33.64 -43.21
CA PRO C 272 -22.26 -34.29 -43.29
C PRO C 272 -23.01 -34.06 -44.59
N PHE C 273 -22.56 -33.13 -45.44
CA PHE C 273 -23.23 -32.87 -46.70
C PHE C 273 -22.42 -33.37 -47.89
N TYR C 276 -18.50 -36.48 -47.36
CA TYR C 276 -17.70 -36.98 -46.26
C TYR C 276 -16.37 -37.34 -46.78
N VAL C 277 -15.96 -36.74 -47.89
CA VAL C 277 -14.71 -37.22 -48.50
C VAL C 277 -13.50 -37.02 -47.61
N ILE C 278 -13.67 -36.35 -46.47
CA ILE C 278 -12.57 -36.06 -45.54
C ILE C 278 -12.00 -37.38 -45.02
N PRO C 279 -10.78 -37.74 -45.38
CA PRO C 279 -10.16 -38.96 -44.86
C PRO C 279 -9.31 -38.68 -43.65
N PRO C 280 -9.00 -39.70 -42.84
CA PRO C 280 -8.04 -39.51 -41.76
C PRO C 280 -6.67 -39.10 -42.30
N SER C 281 -6.37 -39.54 -43.52
CA SER C 281 -5.11 -39.18 -44.16
C SER C 281 -4.94 -37.66 -44.25
N LEU C 282 -6.02 -36.94 -44.52
CA LEU C 282 -5.96 -35.49 -44.68
C LEU C 282 -6.58 -34.72 -43.51
N ASN C 283 -7.45 -35.34 -42.74
CA ASN C 283 -8.07 -34.67 -41.60
C ASN C 283 -7.06 -34.56 -40.46
N ASP C 284 -5.92 -35.27 -40.60
CA ASP C 284 -4.95 -35.35 -39.51
C ASP C 284 -4.39 -33.97 -39.17
N ALA C 285 -3.94 -33.22 -40.18
CA ALA C 285 -3.31 -31.93 -39.92
C ALA C 285 -4.31 -30.88 -39.47
N LEU C 286 -5.59 -31.08 -39.79
CA LEU C 286 -6.62 -30.13 -39.37
C LEU C 286 -6.77 -30.05 -37.85
N TYR C 287 -6.55 -31.31 -37.13
CA TYR C 287 -6.63 -31.34 -35.67
C TYR C 287 -5.54 -30.47 -35.04
N GLY C 290 -4.98 -26.59 -34.96
CA GLY C 290 -5.53 -26.03 -33.75
C GLY C 290 -4.58 -26.18 -32.57
N TYR C 291 -3.93 -27.35 -32.47
CA TYR C 291 -2.94 -27.54 -31.41
C TYR C 291 -1.76 -26.57 -31.55
N LEU C 292 -1.32 -26.31 -32.77
CA LEU C 292 -0.25 -25.34 -32.98
C LEU C 292 -0.71 -23.93 -32.69
N ASN C 293 -1.97 -23.61 -32.98
CA ASN C 293 -2.53 -22.33 -32.56
C ASN C 293 -2.47 -22.18 -31.06
N SER C 294 -2.87 -23.21 -30.33
CA SER C 294 -2.74 -23.19 -28.87
C SER C 294 -1.28 -23.05 -28.46
N ALA C 295 -0.36 -23.67 -29.20
CA ALA C 295 1.06 -23.54 -28.89
C ALA C 295 1.46 -22.09 -29.02
N LEU C 296 0.83 -21.40 -29.94
CA LEU C 296 1.12 -19.97 -30.19
C LEU C 296 0.33 -18.89 -29.42
N ASN C 297 -0.76 -19.21 -28.76
CA ASN C 297 -1.50 -18.18 -28.12
C ASN C 297 -0.78 -17.39 -27.09
N PRO C 298 0.05 -18.01 -26.24
CA PRO C 298 0.70 -17.06 -25.33
C PRO C 298 1.57 -16.16 -26.08
N MET C 299 2.24 -16.68 -27.08
CA MET C 299 3.21 -15.84 -27.70
C MET C 299 2.54 -14.63 -28.26
N VAL C 300 1.41 -14.76 -28.92
CA VAL C 300 0.76 -13.54 -29.35
C VAL C 300 0.21 -12.73 -28.23
N TYR C 301 -0.47 -13.34 -27.31
CA TYR C 301 -1.14 -12.56 -26.31
C TYR C 301 -0.42 -12.28 -25.03
N ALA C 302 0.86 -12.54 -24.89
CA ALA C 302 1.49 -12.20 -23.61
C ALA C 302 2.93 -11.78 -23.78
N PHE C 303 3.48 -12.03 -24.95
CA PHE C 303 4.91 -11.74 -25.16
C PHE C 303 5.18 -10.61 -26.14
N PHE C 304 4.25 -10.25 -27.01
CA PHE C 304 4.52 -9.23 -28.01
C PHE C 304 4.54 -7.82 -27.45
N TYR C 305 3.84 -7.70 -26.34
CA TYR C 305 3.72 -6.43 -25.71
C TYR C 305 4.57 -6.60 -24.45
N PRO C 306 4.90 -5.49 -23.74
CA PRO C 306 5.83 -5.71 -22.60
C PRO C 306 5.35 -6.60 -21.44
N TRP C 307 4.14 -7.13 -21.51
CA TRP C 307 3.66 -8.06 -20.48
C TRP C 307 4.68 -9.17 -20.27
N PHE C 308 5.52 -9.43 -21.25
CA PHE C 308 6.49 -10.52 -21.16
C PHE C 308 7.23 -10.63 -19.83
N ARG C 309 7.63 -9.48 -19.28
CA ARG C 309 8.30 -9.48 -17.98
C ARG C 309 7.33 -9.03 -16.89
N VAL D 39 -16.79 3.18 26.87
CA VAL D 39 -16.64 1.73 26.86
C VAL D 39 -17.53 1.12 27.93
N GLN D 40 -18.74 0.71 27.55
CA GLN D 40 -19.64 0.09 28.51
C GLN D 40 -20.53 -0.93 27.80
N LEU D 41 -20.72 -2.08 28.43
CA LEU D 41 -21.50 -3.18 27.88
C LEU D 41 -22.63 -3.50 28.83
N VAL D 42 -23.86 -3.49 28.33
CA VAL D 42 -25.06 -3.76 29.13
C VAL D 42 -25.57 -5.12 28.69
N GLU D 43 -25.62 -6.07 29.62
CA GLU D 43 -26.15 -7.40 29.33
C GLU D 43 -27.63 -7.46 29.69
N SER D 44 -28.39 -8.15 28.84
CA SER D 44 -29.83 -8.28 29.00
C SER D 44 -30.24 -9.73 28.84
N GLY D 45 -31.23 -10.13 29.62
CA GLY D 45 -31.73 -11.48 29.63
C GLY D 45 -32.10 -11.90 31.04
N GLY D 46 -31.98 -13.19 31.30
CA GLY D 46 -32.20 -13.73 32.61
C GLY D 46 -33.68 -13.91 32.94
N GLY D 47 -33.93 -14.46 34.12
CA GLY D 47 -35.27 -14.72 34.60
C GLY D 47 -35.43 -16.15 35.04
N LEU D 48 -36.66 -16.49 35.42
CA LEU D 48 -37.02 -17.84 35.83
C LEU D 48 -37.37 -18.65 34.60
N VAL D 49 -36.50 -19.60 34.24
CA VAL D 49 -36.67 -20.41 33.05
C VAL D 49 -36.69 -21.88 33.45
N GLN D 50 -37.71 -22.61 33.01
CA GLN D 50 -37.78 -24.03 33.29
C GLN D 50 -36.70 -24.78 32.54
N PRO D 51 -36.20 -25.88 33.09
CA PRO D 51 -35.17 -26.67 32.38
C PRO D 51 -35.69 -27.18 31.04
N GLY D 52 -34.78 -27.23 30.06
CA GLY D 52 -35.13 -27.63 28.72
C GLY D 52 -35.64 -26.52 27.83
N GLY D 53 -35.69 -25.29 28.31
CA GLY D 53 -36.16 -24.17 27.53
C GLY D 53 -35.06 -23.54 26.70
N SER D 54 -35.40 -22.42 26.07
CA SER D 54 -34.48 -21.68 25.23
C SER D 54 -34.54 -20.20 25.58
N ARG D 55 -33.36 -19.59 25.69
CA ARG D 55 -33.26 -18.17 26.03
C ARG D 55 -32.15 -17.53 25.20
N LYS D 56 -32.42 -16.31 24.71
CA LYS D 56 -31.48 -15.55 23.91
C LYS D 56 -31.04 -14.32 24.71
N LEU D 57 -29.87 -14.39 25.31
CA LEU D 57 -29.30 -13.28 26.06
C LEU D 57 -28.55 -12.36 25.10
N SER D 58 -28.51 -11.08 25.44
CA SER D 58 -27.90 -10.08 24.58
C SER D 58 -26.86 -9.28 25.38
N CYS D 59 -25.93 -8.68 24.65
CA CYS D 59 -24.92 -7.79 25.23
C CYS D 59 -24.80 -6.60 24.29
N SER D 60 -25.38 -5.46 24.70
CA SER D 60 -25.31 -4.24 23.91
C SER D 60 -24.07 -3.46 24.31
N ALA D 61 -23.15 -3.27 23.36
CA ALA D 61 -21.91 -2.56 23.59
C ALA D 61 -22.02 -1.15 23.08
N SER D 62 -21.49 -0.19 23.84
CA SER D 62 -21.51 1.21 23.41
C SER D 62 -20.36 1.94 24.10
N GLY D 63 -19.59 2.68 23.31
CA GLY D 63 -18.47 3.44 23.84
C GLY D 63 -17.14 3.02 23.25
N PHE D 64 -17.20 2.14 22.27
CA PHE D 64 -15.98 1.67 21.61
C PHE D 64 -16.31 1.13 20.24
N ALA D 65 -15.29 0.67 19.53
CA ALA D 65 -15.47 0.15 18.17
C ALA D 65 -15.74 -1.36 18.24
N PHE D 66 -16.99 -1.70 18.54
CA PHE D 66 -17.38 -3.10 18.69
C PHE D 66 -17.04 -3.93 17.47
N SER D 67 -17.06 -3.32 16.28
CA SER D 67 -16.78 -4.04 15.04
C SER D 67 -15.35 -4.56 14.96
N SER D 68 -14.45 -4.08 15.82
CA SER D 68 -13.06 -4.51 15.79
C SER D 68 -12.66 -5.36 16.98
N PHE D 69 -13.56 -5.80 17.85
CA PHE D 69 -13.19 -6.53 19.07
C PHE D 69 -13.82 -7.84 19.23
N GLY D 70 -13.05 -8.88 19.19
CA GLY D 70 -13.58 -10.22 19.44
C GLY D 70 -14.35 -10.25 20.75
N MET D 71 -15.32 -11.15 20.81
CA MET D 71 -16.24 -11.20 21.94
C MET D 71 -16.32 -12.62 22.51
N HIS D 72 -16.10 -12.72 23.81
CA HIS D 72 -16.20 -13.98 24.53
C HIS D 72 -17.41 -13.95 25.47
N TRP D 73 -17.82 -15.13 25.91
CA TRP D 73 -18.76 -15.26 27.01
C TRP D 73 -18.10 -16.12 28.09
N VAL D 74 -18.24 -15.72 29.35
CA VAL D 74 -17.61 -16.41 30.46
C VAL D 74 -18.68 -16.72 31.49
N ARG D 75 -18.76 -17.98 31.91
CA ARG D 75 -19.70 -18.40 32.94
C ARG D 75 -19.06 -18.30 34.31
N GLN D 76 -19.90 -18.11 35.34
CA GLN D 76 -19.42 -18.09 36.73
C GLN D 76 -20.53 -18.64 37.62
N ALA D 77 -20.38 -19.87 38.10
CA ALA D 77 -21.38 -20.47 38.97
C ALA D 77 -21.49 -19.69 40.28
N PRO D 78 -22.66 -19.69 40.91
CA PRO D 78 -22.81 -18.93 42.16
C PRO D 78 -21.86 -19.38 43.26
N GLU D 79 -21.47 -20.65 43.29
CA GLU D 79 -20.57 -21.17 44.32
C GLU D 79 -19.29 -21.75 43.72
N LYS D 80 -18.87 -21.26 42.56
CA LYS D 80 -17.66 -21.76 41.91
C LYS D 80 -16.99 -20.62 41.16
N GLY D 81 -15.87 -20.93 40.52
CA GLY D 81 -15.11 -19.94 39.77
C GLY D 81 -15.66 -19.72 38.38
N LEU D 82 -14.88 -19.01 37.57
CA LEU D 82 -15.30 -18.66 36.23
C LEU D 82 -15.14 -19.85 35.28
N GLU D 83 -15.77 -19.75 34.11
CA GLU D 83 -15.66 -20.77 33.07
C GLU D 83 -16.02 -20.12 31.74
N TRP D 84 -15.32 -20.54 30.69
CA TRP D 84 -15.50 -19.99 29.36
C TRP D 84 -16.72 -20.62 28.70
N VAL D 85 -17.40 -19.84 27.84
CA VAL D 85 -18.63 -20.29 27.20
C VAL D 85 -18.43 -20.40 25.70
N ALA D 86 -18.11 -19.28 25.05
CA ALA D 86 -17.98 -19.24 23.60
C ALA D 86 -17.12 -18.03 23.23
N TYR D 87 -16.63 -18.03 21.99
CA TYR D 87 -15.81 -16.95 21.48
C TYR D 87 -16.14 -16.72 20.00
N ILE D 88 -16.32 -15.46 19.63
CA ILE D 88 -16.59 -15.07 18.25
C ILE D 88 -15.57 -14.00 17.85
N SER D 89 -15.06 -14.10 16.63
CA SER D 89 -14.01 -13.20 16.18
C SER D 89 -14.59 -11.82 15.92
N SER D 90 -13.75 -10.92 15.42
CA SER D 90 -14.18 -9.53 15.21
C SER D 90 -15.28 -9.45 14.16
N GLY D 91 -15.08 -10.08 13.00
CA GLY D 91 -16.07 -10.05 11.95
C GLY D 91 -16.83 -11.35 11.85
N SER D 92 -16.87 -12.11 12.94
CA SER D 92 -17.56 -13.41 13.00
C SER D 92 -16.98 -14.41 12.00
N GLY D 93 -15.69 -14.27 11.68
CA GLY D 93 -15.03 -15.20 10.79
C GLY D 93 -14.51 -16.45 11.46
N THR D 94 -14.55 -16.52 12.79
CA THR D 94 -14.07 -17.68 13.53
C THR D 94 -14.84 -17.77 14.84
N ILE D 95 -15.34 -18.96 15.15
CA ILE D 95 -16.16 -19.18 16.33
C ILE D 95 -15.68 -20.44 17.03
N TYR D 96 -15.49 -20.35 18.34
CA TYR D 96 -15.20 -21.50 19.20
C TYR D 96 -16.27 -21.62 20.28
N TYR D 97 -16.51 -22.85 20.72
CA TYR D 97 -17.49 -23.11 21.77
C TYR D 97 -16.83 -23.94 22.86
N ALA D 98 -17.40 -23.86 24.06
CA ALA D 98 -16.90 -24.65 25.18
C ALA D 98 -17.26 -26.12 24.99
N ASP D 99 -16.35 -26.99 25.40
CA ASP D 99 -16.59 -28.43 25.30
C ASP D 99 -17.71 -28.90 26.20
N THR D 100 -18.01 -28.16 27.27
CA THR D 100 -19.10 -28.55 28.17
C THR D 100 -20.44 -28.54 27.44
N VAL D 101 -20.77 -27.43 26.79
CA VAL D 101 -21.95 -27.31 25.96
C VAL D 101 -21.53 -26.71 24.63
N LYS D 102 -21.73 -27.45 23.55
CA LYS D 102 -21.29 -27.00 22.23
C LYS D 102 -22.41 -26.98 21.20
N GLY D 103 -23.29 -27.97 21.20
CA GLY D 103 -24.37 -28.04 20.24
C GLY D 103 -25.62 -27.28 20.60
N ARG D 104 -25.77 -26.90 21.87
CA ARG D 104 -26.95 -26.17 22.32
C ARG D 104 -26.73 -24.66 22.38
N PHE D 105 -25.48 -24.20 22.36
CA PHE D 105 -25.16 -22.79 22.43
C PHE D 105 -24.83 -22.27 21.04
N THR D 106 -25.30 -21.06 20.74
CA THR D 106 -24.94 -20.38 19.50
C THR D 106 -24.63 -18.92 19.79
N ILE D 107 -23.66 -18.37 19.07
CA ILE D 107 -23.23 -17.00 19.26
C ILE D 107 -23.39 -16.24 17.95
N SER D 108 -23.62 -14.94 18.05
CA SER D 108 -23.75 -14.10 16.87
C SER D 108 -23.45 -12.66 17.26
N ARG D 109 -23.12 -11.86 16.24
CA ARG D 109 -22.82 -10.46 16.44
C ARG D 109 -23.47 -9.63 15.33
N ASP D 110 -23.79 -8.39 15.66
CA ASP D 110 -24.35 -7.44 14.70
C ASP D 110 -23.50 -6.17 14.81
N ASP D 111 -22.54 -6.03 13.91
CA ASP D 111 -21.67 -4.85 13.89
C ASP D 111 -22.42 -3.55 13.63
N PRO D 112 -23.33 -3.46 12.64
CA PRO D 112 -24.03 -2.18 12.45
C PRO D 112 -24.77 -1.69 13.68
N LYS D 113 -25.37 -2.60 14.45
CA LYS D 113 -26.00 -2.24 15.70
C LYS D 113 -25.04 -2.32 16.89
N ASN D 114 -23.83 -2.84 16.67
CA ASN D 114 -22.83 -3.00 17.73
C ASN D 114 -23.41 -3.77 18.92
N THR D 115 -23.89 -4.98 18.66
CA THR D 115 -24.50 -5.80 19.69
C THR D 115 -24.07 -7.25 19.52
N LEU D 116 -24.19 -8.03 20.61
CA LEU D 116 -23.83 -9.44 20.62
C LEU D 116 -24.99 -10.25 21.15
N PHE D 117 -25.14 -11.48 20.64
CA PHE D 117 -26.22 -12.37 21.05
C PHE D 117 -25.66 -13.75 21.37
N LEU D 118 -26.15 -14.34 22.46
CA LEU D 118 -25.87 -15.73 22.80
C LEU D 118 -27.20 -16.41 23.06
N GLN D 119 -27.53 -17.39 22.22
CA GLN D 119 -28.78 -18.13 22.34
C GLN D 119 -28.49 -19.54 22.83
N MET D 120 -29.18 -19.94 23.88
CA MET D 120 -29.01 -21.24 24.50
C MET D 120 -30.32 -22.00 24.43
N THR D 121 -30.21 -23.31 24.18
CA THR D 121 -31.37 -24.18 24.06
C THR D 121 -31.18 -25.39 24.98
N SER D 122 -32.30 -25.94 25.44
CA SER D 122 -32.33 -27.07 26.36
C SER D 122 -31.44 -26.79 27.58
N LEU D 123 -31.79 -25.73 28.29
CA LEU D 123 -31.00 -25.30 29.45
C LEU D 123 -31.02 -26.36 30.53
N ARG D 124 -29.87 -26.97 30.79
CA ARG D 124 -29.75 -28.02 31.79
C ARG D 124 -29.71 -27.38 33.18
N SER D 125 -29.44 -28.21 34.20
CA SER D 125 -29.35 -27.71 35.57
C SER D 125 -28.02 -27.03 35.85
N GLU D 126 -27.06 -27.09 34.93
CA GLU D 126 -25.76 -26.45 35.10
C GLU D 126 -25.70 -25.07 34.47
N ASP D 127 -26.50 -24.80 33.44
CA ASP D 127 -26.50 -23.51 32.76
C ASP D 127 -27.50 -22.57 33.45
N THR D 128 -27.18 -22.26 34.70
CA THR D 128 -27.99 -21.35 35.52
C THR D 128 -27.08 -20.42 36.31
N ALA D 129 -26.05 -19.89 35.66
CA ALA D 129 -25.00 -19.15 36.32
C ALA D 129 -24.91 -17.72 35.76
N MET D 130 -23.88 -17.00 36.19
CA MET D 130 -23.67 -15.61 35.81
C MET D 130 -22.84 -15.56 34.53
N TYR D 131 -23.41 -15.00 33.48
CA TYR D 131 -22.74 -14.93 32.18
C TYR D 131 -22.25 -13.51 31.92
N TYR D 132 -20.96 -13.37 31.62
CA TYR D 132 -20.36 -12.08 31.30
C TYR D 132 -19.90 -12.06 29.85
N CYS D 133 -20.25 -10.98 29.15
CA CYS D 133 -19.76 -10.74 27.80
C CYS D 133 -18.47 -9.95 27.86
N VAL D 134 -17.43 -10.57 27.31
CA VAL D 134 -16.14 -9.96 27.38
C VAL D 134 -15.56 -9.46 26.10
N ARG D 135 -15.03 -8.27 26.16
CA ARG D 135 -14.33 -7.66 25.02
C ARG D 135 -12.88 -8.14 24.99
N SER D 136 -12.38 -8.42 23.80
CA SER D 136 -10.99 -8.85 23.66
C SER D 136 -10.54 -8.65 22.22
N ILE D 137 -9.49 -7.85 22.05
CA ILE D 137 -8.93 -7.63 20.73
C ILE D 137 -7.57 -8.30 20.70
N TYR D 138 -7.14 -8.72 19.53
CA TYR D 138 -5.89 -9.46 19.40
C TYR D 138 -5.01 -8.83 18.32
N TYR D 139 -3.97 -8.14 18.77
CA TYR D 139 -2.84 -7.76 17.92
C TYR D 139 -1.63 -7.66 18.83
N TYR D 140 -0.45 -7.45 18.22
CA TYR D 140 0.76 -7.40 19.02
C TYR D 140 0.69 -6.25 20.01
N GLY D 141 1.00 -6.54 21.27
CA GLY D 141 0.93 -5.54 22.32
C GLY D 141 -0.45 -5.30 22.87
N SER D 142 -1.46 -6.00 22.38
CA SER D 142 -2.83 -5.77 22.84
C SER D 142 -3.06 -6.41 24.21
N SER D 143 -4.22 -6.12 24.78
CA SER D 143 -4.62 -6.61 26.10
C SER D 143 -5.96 -7.31 25.96
N PRO D 144 -5.98 -8.58 25.58
CA PRO D 144 -7.25 -9.32 25.51
C PRO D 144 -7.89 -9.46 26.89
N PHE D 145 -9.22 -9.54 26.90
CA PHE D 145 -9.98 -9.64 28.15
C PHE D 145 -9.86 -8.35 28.95
N ASP D 146 -9.62 -7.23 28.28
CA ASP D 146 -9.37 -5.99 29.00
C ASP D 146 -10.61 -5.53 29.77
N PHE D 147 -11.77 -5.57 29.13
CA PHE D 147 -13.00 -5.06 29.72
C PHE D 147 -14.03 -6.17 29.79
N TRP D 148 -14.69 -6.28 30.94
CA TRP D 148 -15.73 -7.26 31.18
C TRP D 148 -17.07 -6.56 31.39
N GLY D 149 -18.13 -7.16 30.87
CA GLY D 149 -19.46 -6.58 30.98
C GLY D 149 -20.04 -6.75 32.36
N GLN D 150 -21.25 -6.21 32.52
CA GLN D 150 -21.96 -6.30 33.80
C GLN D 150 -22.47 -7.69 34.11
N GLY D 151 -22.99 -8.40 33.13
CA GLY D 151 -23.43 -9.77 33.32
C GLY D 151 -24.88 -9.87 33.74
N THR D 152 -25.47 -11.03 33.45
CA THR D 152 -26.85 -11.32 33.82
C THR D 152 -26.93 -12.72 34.42
N THR D 153 -27.85 -12.88 35.35
CA THR D 153 -28.08 -14.15 36.02
C THR D 153 -29.05 -15.02 35.22
N LEU D 154 -29.17 -16.27 35.64
CA LEU D 154 -30.07 -17.21 34.97
C LEU D 154 -30.51 -18.25 35.98
N THR D 155 -31.80 -18.60 35.93
CA THR D 155 -32.41 -19.54 36.86
C THR D 155 -32.93 -20.75 36.10
N VAL D 156 -32.72 -21.93 36.66
CA VAL D 156 -33.19 -23.17 36.05
C VAL D 156 -34.00 -23.98 37.06
N SER D 173 -11.38 -32.56 29.33
CA SER D 173 -10.73 -33.75 28.76
C SER D 173 -9.23 -33.50 28.59
N ALA D 174 -8.81 -33.30 27.34
CA ALA D 174 -7.41 -33.07 27.00
C ALA D 174 -7.02 -31.60 27.13
N ASP D 175 -7.95 -30.72 27.49
CA ASP D 175 -7.64 -29.31 27.62
C ASP D 175 -6.78 -29.05 28.86
N ILE D 176 -6.11 -27.89 28.85
CA ILE D 176 -5.27 -27.51 29.97
C ILE D 176 -6.13 -27.13 31.16
N VAL D 177 -5.84 -27.71 32.31
CA VAL D 177 -6.60 -27.47 33.54
C VAL D 177 -5.76 -26.60 34.46
N MET D 178 -6.35 -25.51 34.95
CA MET D 178 -5.67 -24.58 35.84
C MET D 178 -6.21 -24.74 37.25
N THR D 179 -5.31 -24.88 38.22
CA THR D 179 -5.68 -25.08 39.61
C THR D 179 -4.97 -24.07 40.49
N GLN D 180 -5.43 -23.99 41.75
CA GLN D 180 -4.87 -23.07 42.72
C GLN D 180 -4.67 -23.80 44.05
N ALA D 181 -3.72 -23.29 44.85
CA ALA D 181 -3.37 -23.95 46.10
C ALA D 181 -4.55 -23.96 47.07
N THR D 182 -5.24 -22.84 47.21
CA THR D 182 -6.34 -22.72 48.17
C THR D 182 -7.25 -21.57 47.72
N SER D 183 -8.16 -21.18 48.60
CA SER D 183 -9.10 -20.10 48.30
C SER D 183 -9.08 -19.03 49.39
N SER D 184 -8.00 -18.95 50.16
CA SER D 184 -7.86 -17.95 51.21
C SER D 184 -6.37 -17.68 51.45
N VAL D 185 -6.08 -16.49 51.93
CA VAL D 185 -4.70 -16.10 52.24
C VAL D 185 -4.65 -15.42 53.60
N THR D 188 -4.48 -9.09 56.73
CA THR D 188 -4.25 -7.74 57.21
C THR D 188 -3.73 -6.84 56.10
N PRO D 189 -4.39 -5.71 55.88
CA PRO D 189 -3.91 -4.76 54.86
C PRO D 189 -2.57 -4.16 55.24
N GLY D 190 -1.78 -3.82 54.23
CA GLY D 190 -0.53 -3.11 54.43
C GLY D 190 0.74 -3.89 54.12
N GLU D 191 0.66 -5.20 53.89
CA GLU D 191 1.84 -5.99 53.57
C GLU D 191 1.59 -6.80 52.30
N SER D 192 2.69 -7.18 51.66
CA SER D 192 2.62 -7.88 50.39
C SER D 192 1.98 -9.25 50.55
N VAL D 193 1.20 -9.64 49.55
CA VAL D 193 0.57 -10.96 49.50
C VAL D 193 0.89 -11.60 48.16
N SER D 194 0.85 -12.93 48.15
CA SER D 194 1.19 -13.71 46.96
C SER D 194 0.14 -14.80 46.75
N ILE D 195 -0.20 -15.02 45.49
CA ILE D 195 -1.19 -16.02 45.08
C ILE D 195 -0.53 -16.96 44.09
N SER D 196 -0.66 -18.26 44.33
CA SER D 196 -0.02 -19.28 43.52
C SER D 196 -1.05 -19.98 42.64
N CYS D 197 -0.68 -20.19 41.38
CA CYS D 197 -1.52 -20.88 40.41
C CYS D 197 -0.68 -21.93 39.68
N ARG D 198 -1.30 -23.00 39.23
CA ARG D 198 -0.61 -24.08 38.53
C ARG D 198 -1.38 -24.45 37.27
N SER D 199 -0.64 -24.84 36.25
CA SER D 199 -1.20 -25.25 34.97
C SER D 199 -0.78 -26.69 34.67
N SER D 200 -1.66 -27.41 33.97
CA SER D 200 -1.38 -28.79 33.58
C SER D 200 -0.46 -28.90 32.38
N LYS D 201 -0.12 -27.78 31.75
CA LYS D 201 0.77 -27.78 30.60
C LYS D 201 1.49 -26.44 30.55
N SER D 202 2.65 -26.42 29.90
CA SER D 202 3.42 -25.20 29.77
C SER D 202 2.66 -24.19 28.92
N LEU D 203 2.31 -23.05 29.52
CA LEU D 203 1.59 -22.00 28.82
C LEU D 203 2.50 -21.07 28.03
N LEU D 204 3.82 -21.19 28.19
CA LEU D 204 4.76 -20.38 27.45
C LEU D 204 4.88 -20.91 26.03
N HIS D 205 4.53 -20.07 25.06
CA HIS D 205 4.53 -20.47 23.65
C HIS D 205 5.92 -20.27 23.03
N SER D 206 6.08 -20.79 21.81
CA SER D 206 7.36 -20.70 21.13
C SER D 206 7.75 -19.25 20.87
N ASN D 207 6.77 -18.40 20.54
CA ASN D 207 7.07 -16.99 20.29
C ASN D 207 7.64 -16.30 21.53
N GLY D 208 7.08 -16.61 22.70
CA GLY D 208 7.56 -16.02 23.93
C GLY D 208 6.45 -15.66 24.90
N ASN D 209 5.23 -15.57 24.39
CA ASN D 209 4.08 -15.22 25.23
C ASN D 209 3.78 -16.32 26.23
N THR D 210 3.32 -15.92 27.41
CA THR D 210 2.86 -16.83 28.45
C THR D 210 1.41 -16.46 28.75
N TYR D 211 0.48 -17.16 28.11
CA TYR D 211 -0.93 -16.77 28.11
C TYR D 211 -1.55 -17.06 29.47
N LEU D 212 -1.29 -16.16 30.41
CA LEU D 212 -1.88 -16.21 31.74
C LEU D 212 -2.53 -14.86 32.04
N TYR D 213 -3.76 -14.90 32.56
CA TYR D 213 -4.52 -13.70 32.85
C TYR D 213 -5.02 -13.74 34.29
N TRP D 214 -4.94 -12.59 34.96
CA TRP D 214 -5.41 -12.42 36.32
C TRP D 214 -6.56 -11.41 36.31
N PHE D 215 -7.60 -11.68 37.08
CA PHE D 215 -8.79 -10.86 37.03
C PHE D 215 -9.18 -10.23 38.35
N LEU D 216 -9.13 -10.93 39.47
CA LEU D 216 -9.43 -10.27 40.75
C LEU D 216 -10.85 -9.76 40.79
N GLN D 217 -11.83 -10.65 40.65
CA GLN D 217 -13.21 -10.20 40.74
C GLN D 217 -13.53 -9.76 42.16
N ARG D 218 -13.75 -8.46 42.36
CA ARG D 218 -14.10 -7.93 43.67
C ARG D 218 -15.59 -8.15 43.95
N PRO D 219 -15.94 -8.34 45.20
CA PRO D 219 -17.35 -8.65 45.54
C PRO D 219 -18.27 -7.49 45.20
N GLY D 220 -19.48 -7.81 44.76
CA GLY D 220 -20.48 -6.81 44.46
C GLY D 220 -20.30 -6.10 43.14
N GLN D 221 -19.34 -6.49 42.32
CA GLN D 221 -19.10 -5.85 41.04
C GLN D 221 -18.49 -6.85 40.07
N SER D 222 -18.57 -6.51 38.79
CA SER D 222 -18.07 -7.36 37.71
C SER D 222 -16.55 -7.49 37.78
N PRO D 223 -15.99 -8.57 37.25
CA PRO D 223 -14.52 -8.72 37.25
C PRO D 223 -13.87 -7.74 36.29
N GLN D 224 -12.55 -7.63 36.44
CA GLN D 224 -11.74 -6.76 35.59
C GLN D 224 -10.47 -7.54 35.23
N LEU D 225 -9.47 -6.83 34.72
CA LEU D 225 -8.19 -7.45 34.40
C LEU D 225 -7.09 -6.79 35.22
N LEU D 226 -6.22 -7.61 35.80
CA LEU D 226 -5.04 -7.13 36.50
C LEU D 226 -3.79 -7.23 35.61
N ILE D 227 -3.50 -8.39 35.11
CA ILE D 227 -2.32 -8.63 34.36
C ILE D 227 -2.59 -9.57 33.24
N TYR D 228 -2.28 -9.23 31.97
CA TYR D 228 -2.50 -10.06 30.80
C TYR D 228 -1.17 -10.61 30.29
N ARG D 229 -1.19 -11.87 29.86
CA ARG D 229 0.00 -12.57 29.40
C ARG D 229 1.06 -12.67 30.49
N MET D 230 0.51 -12.88 31.71
CA MET D 230 1.32 -13.08 32.90
C MET D 230 1.92 -11.83 33.30
N SER D 231 2.80 -11.24 32.52
CA SER D 231 3.66 -10.14 32.90
C SER D 231 3.15 -8.71 32.80
N ASN D 232 2.34 -8.41 31.79
CA ASN D 232 1.94 -7.04 31.49
C ASN D 232 0.64 -6.72 32.22
N LEU D 233 0.69 -5.73 33.10
CA LEU D 233 -0.49 -5.35 33.85
C LEU D 233 -1.41 -4.49 33.01
N ALA D 234 -2.67 -4.37 33.44
CA ALA D 234 -3.66 -3.59 32.72
C ALA D 234 -3.33 -2.09 32.81
N SER D 235 -4.16 -1.28 32.16
CA SER D 235 -3.91 0.16 32.09
C SER D 235 -4.32 0.86 33.39
N GLY D 236 -5.59 0.73 33.76
CA GLY D 236 -6.12 1.45 34.91
C GLY D 236 -5.83 0.85 36.26
N VAL D 237 -5.18 -0.30 36.32
CA VAL D 237 -4.89 -0.93 37.62
C VAL D 237 -3.73 -0.20 38.27
N PRO D 238 -3.72 -0.06 39.60
CA PRO D 238 -2.57 0.55 40.27
C PRO D 238 -1.30 -0.26 40.03
N ASP D 239 -0.18 0.44 39.98
CA ASP D 239 1.12 -0.18 39.71
C ASP D 239 1.69 -0.83 40.97
N ARG D 240 0.90 -1.73 41.55
CA ARG D 240 1.33 -2.53 42.70
C ARG D 240 1.12 -4.01 42.47
N PHE D 241 0.64 -4.41 41.29
CA PHE D 241 0.43 -5.81 40.93
C PHE D 241 1.57 -6.28 40.03
N SER D 242 2.07 -7.48 40.30
CA SER D 242 3.11 -8.06 39.47
C SER D 242 2.85 -9.55 39.32
N GLY D 243 3.38 -10.12 38.24
CA GLY D 243 3.21 -11.54 37.99
C GLY D 243 4.44 -12.20 37.43
N SER D 244 4.69 -13.45 37.82
CA SER D 244 5.86 -14.17 37.32
C SER D 244 5.53 -15.65 37.26
N GLY D 245 6.35 -16.39 36.52
CA GLY D 245 6.14 -17.81 36.40
C GLY D 245 7.20 -18.45 35.53
N SER D 246 7.16 -19.78 35.47
CA SER D 246 8.09 -20.56 34.66
C SER D 246 7.42 -21.29 33.51
N GLY D 247 6.09 -21.24 33.41
CA GLY D 247 5.39 -21.92 32.34
C GLY D 247 4.22 -22.76 32.84
N THR D 248 4.37 -23.34 34.03
CA THR D 248 3.31 -24.14 34.62
C THR D 248 2.94 -23.61 36.00
N ALA D 249 3.93 -23.14 36.74
CA ALA D 249 3.72 -22.58 38.08
C ALA D 249 3.85 -21.06 37.99
N PHE D 250 2.79 -20.44 38.54
CA PHE D 250 2.67 -19.00 38.48
C PHE D 250 2.49 -18.34 39.84
N THR D 251 2.93 -17.08 40.01
CA THR D 251 2.66 -16.36 41.24
C THR D 251 2.35 -14.91 40.93
N LEU D 252 1.31 -14.40 41.59
CA LEU D 252 0.89 -13.00 41.50
C LEU D 252 1.16 -12.33 42.83
N THR D 253 1.89 -11.21 42.80
CA THR D 253 2.31 -10.50 43.99
C THR D 253 1.65 -9.13 44.03
N ILE D 254 1.08 -8.80 45.19
CA ILE D 254 0.49 -7.49 45.43
C ILE D 254 1.25 -6.85 46.58
N SER D 255 1.85 -5.69 46.32
CA SER D 255 2.70 -5.05 47.32
C SER D 255 1.88 -4.44 48.45
N ARG D 256 1.02 -3.47 48.13
CA ARG D 256 0.15 -2.87 49.13
C ARG D 256 -1.14 -3.68 49.21
N LEU D 257 -2.12 -3.17 49.95
CA LEU D 257 -3.43 -3.81 50.03
C LEU D 257 -4.42 -2.78 50.57
N GLU D 258 -5.46 -2.51 49.80
CA GLU D 258 -6.45 -1.50 50.19
C GLU D 258 -7.84 -2.12 50.26
N ALA D 259 -8.85 -1.27 50.47
CA ALA D 259 -10.24 -1.74 50.50
C ALA D 259 -10.74 -2.22 49.15
N GLU D 260 -9.99 -1.95 48.07
CA GLU D 260 -10.38 -2.39 46.74
C GLU D 260 -9.78 -3.73 46.35
N ASP D 261 -8.65 -4.11 46.95
CA ASP D 261 -8.00 -5.37 46.60
C ASP D 261 -8.69 -6.58 47.21
N VAL D 262 -9.63 -6.37 48.14
CA VAL D 262 -10.35 -7.50 48.72
C VAL D 262 -11.26 -8.11 47.66
N GLY D 263 -11.26 -9.43 47.59
CA GLY D 263 -12.09 -10.12 46.62
C GLY D 263 -11.50 -11.47 46.27
N VAL D 264 -12.08 -12.07 45.23
CA VAL D 264 -11.62 -13.37 44.75
C VAL D 264 -10.81 -13.17 43.48
N TYR D 265 -9.64 -13.80 43.46
CA TYR D 265 -8.73 -13.66 42.33
C TYR D 265 -8.72 -14.88 41.44
N TYR D 266 -8.90 -14.67 40.15
CA TYR D 266 -8.95 -15.76 39.18
C TYR D 266 -7.73 -15.90 38.27
N CYS D 267 -7.59 -17.09 37.70
CA CYS D 267 -6.39 -17.50 36.98
C CYS D 267 -6.81 -18.16 35.68
N MET D 268 -6.59 -17.48 34.55
CA MET D 268 -7.08 -17.94 33.26
C MET D 268 -5.92 -18.20 32.30
N GLN D 269 -6.13 -19.16 31.41
CA GLN D 269 -5.16 -19.52 30.38
C GLN D 269 -5.75 -19.27 29.00
N HIS D 270 -4.91 -18.89 28.05
CA HIS D 270 -5.40 -18.61 26.69
C HIS D 270 -4.58 -19.32 25.62
N LEU D 271 -3.64 -20.18 26.03
CA LEU D 271 -2.80 -20.89 25.06
C LEU D 271 -3.67 -21.70 24.11
N GLU D 272 -4.30 -22.75 24.63
CA GLU D 272 -5.20 -23.56 23.82
C GLU D 272 -6.54 -22.83 23.70
N TYR D 273 -7.33 -23.18 22.71
CA TYR D 273 -8.62 -22.51 22.51
C TYR D 273 -9.66 -22.65 23.61
N PRO D 274 -9.81 -23.86 24.20
CA PRO D 274 -10.74 -23.88 25.35
C PRO D 274 -10.10 -23.00 26.42
N LEU D 275 -10.87 -22.15 27.08
CA LEU D 275 -10.28 -21.22 28.05
C LEU D 275 -10.65 -21.63 29.45
N THR D 276 -9.79 -22.41 30.10
CA THR D 276 -10.11 -22.89 31.38
C THR D 276 -9.62 -21.96 32.44
N PHE D 277 -10.50 -21.63 33.39
CA PHE D 277 -10.18 -20.70 34.46
C PHE D 277 -9.59 -21.46 35.65
N GLY D 278 -9.34 -20.73 36.74
CA GLY D 278 -8.87 -21.33 37.97
C GLY D 278 -10.00 -21.56 38.94
N ALA D 279 -9.65 -21.65 40.23
CA ALA D 279 -10.62 -21.82 41.29
C ALA D 279 -11.00 -20.50 41.96
N GLY D 280 -10.04 -19.60 42.12
CA GLY D 280 -10.30 -18.32 42.76
C GLY D 280 -9.87 -18.30 44.21
N THR D 281 -8.97 -17.38 44.56
CA THR D 281 -8.48 -17.22 45.93
C THR D 281 -9.18 -16.02 46.55
N LYS D 282 -9.91 -16.25 47.63
CA LYS D 282 -10.62 -15.17 48.30
C LYS D 282 -9.72 -14.55 49.37
N LEU D 283 -9.27 -13.32 49.13
CA LEU D 283 -8.39 -12.61 50.05
C LEU D 283 -9.25 -11.68 50.91
N GLU D 284 -9.34 -12.00 52.20
CA GLU D 284 -10.10 -11.20 53.15
C GLU D 284 -9.13 -10.51 54.11
N LEU D 285 -9.05 -9.19 54.00
CA LEU D 285 -8.16 -8.40 54.84
C LEU D 285 -8.65 -6.97 54.99
N ALA E 10 16.81 44.62 10.05
CA ALA E 10 15.84 43.89 9.25
C ALA E 10 16.31 42.46 8.98
N GLN E 11 16.10 42.00 7.75
CA GLN E 11 16.52 40.65 7.38
C GLN E 11 18.04 40.49 7.35
N ALA E 12 18.78 41.56 7.03
CA ALA E 12 20.24 41.48 7.02
C ALA E 12 20.79 41.43 8.44
N ARG E 13 20.21 42.22 9.35
CA ARG E 13 20.65 42.27 10.74
C ARG E 13 20.48 40.94 11.46
N LYS E 14 19.34 40.25 11.27
CA LYS E 14 19.14 38.95 11.88
C LYS E 14 20.16 37.93 11.38
N LEU E 15 20.41 37.93 10.07
CA LEU E 15 21.42 37.03 9.51
C LEU E 15 22.81 37.33 10.07
N VAL E 16 23.14 38.62 10.19
CA VAL E 16 24.45 39.00 10.72
C VAL E 16 24.58 38.54 12.18
N GLU E 17 23.52 38.74 12.96
CA GLU E 17 23.55 38.32 14.36
C GLU E 17 23.68 36.81 14.49
N GLN E 18 22.95 36.06 13.65
CA GLN E 18 23.04 34.61 13.69
C GLN E 18 24.43 34.13 13.30
N LEU E 19 25.01 34.75 12.27
CA LEU E 19 26.37 34.39 11.86
C LEU E 19 27.39 34.70 12.95
N LYS E 20 27.23 35.84 13.62
CA LYS E 20 28.13 36.19 14.73
C LYS E 20 28.00 35.20 15.87
N MET E 21 26.76 34.80 16.19
CA MET E 21 26.55 33.84 17.27
C MET E 21 27.15 32.48 16.91
N GLU E 22 26.97 32.04 15.66
CA GLU E 22 27.50 30.75 15.24
C GLU E 22 29.01 30.79 15.01
N ALA E 23 29.60 31.97 14.88
CA ALA E 23 31.04 32.07 14.68
C ALA E 23 31.81 31.71 15.96
N ASN E 24 31.30 32.15 17.12
CA ASN E 24 31.94 31.87 18.40
C ASN E 24 31.43 30.53 18.91
N ILE E 25 31.93 29.46 18.30
CA ILE E 25 31.57 28.09 18.67
C ILE E 25 32.84 27.30 18.90
N ASP E 26 32.90 26.57 20.02
CA ASP E 26 34.07 25.77 20.32
C ASP E 26 34.22 24.63 19.32
N ARG E 27 35.45 24.44 18.83
CA ARG E 27 35.75 23.40 17.86
C ARG E 27 37.06 22.72 18.24
N ILE E 28 37.18 21.45 17.86
CA ILE E 28 38.35 20.65 18.15
C ILE E 28 38.97 20.17 16.83
N LYS E 29 40.09 19.45 16.95
CA LYS E 29 40.76 18.93 15.78
C LYS E 29 39.90 17.88 15.08
N VAL E 30 40.02 17.81 13.76
CA VAL E 30 39.23 16.85 12.99
C VAL E 30 39.64 15.42 13.33
N SER E 31 40.93 15.20 13.60
CA SER E 31 41.39 13.85 13.93
C SER E 31 40.76 13.35 15.22
N LYS E 32 40.64 14.22 16.22
CA LYS E 32 40.01 13.82 17.47
C LYS E 32 38.51 13.63 17.30
N ALA E 33 37.87 14.50 16.51
CA ALA E 33 36.42 14.41 16.32
C ALA E 33 36.04 13.24 15.41
N ALA E 34 36.95 12.76 14.58
CA ALA E 34 36.69 11.62 13.70
C ALA E 34 37.18 10.31 14.29
N ALA E 35 37.70 10.31 15.50
CA ALA E 35 38.16 9.09 16.15
C ALA E 35 37.09 8.39 16.97
N ASP E 36 35.90 8.98 17.07
CA ASP E 36 34.82 8.38 17.85
C ASP E 36 33.51 8.35 17.06
N MET E 38 34.42 6.49 14.68
CA MET E 38 35.07 5.20 14.53
C MET E 38 35.09 4.43 15.85
N ALA E 39 35.56 5.10 16.91
CA ALA E 39 35.64 4.44 18.21
C ALA E 39 34.25 4.01 18.70
N TYR E 40 33.25 4.88 18.54
CA TYR E 40 31.88 4.48 18.88
C TYR E 40 31.45 3.27 18.07
N CYS E 41 31.91 3.17 16.82
CA CYS E 41 31.63 1.97 16.03
C CYS E 41 32.38 0.77 16.58
N GLU E 42 33.59 0.96 17.07
CA GLU E 42 34.39 -0.15 17.56
C GLU E 42 33.82 -0.75 18.83
N ALA E 43 33.33 0.09 19.74
CA ALA E 43 32.82 -0.40 21.02
C ALA E 43 31.37 -0.83 20.97
N HIS E 44 30.68 -0.62 19.84
CA HIS E 44 29.27 -0.96 19.72
C HIS E 44 29.00 -1.88 18.53
N ALA E 45 30.03 -2.51 17.96
CA ALA E 45 29.85 -3.32 16.76
C ALA E 45 29.21 -4.67 17.09
N LYS E 46 29.56 -5.26 18.23
CA LYS E 46 29.07 -6.60 18.55
C LYS E 46 27.56 -6.65 18.74
N GLU E 47 26.93 -5.54 19.11
CA GLU E 47 25.49 -5.48 19.30
C GLU E 47 24.74 -5.06 18.04
N ASP E 48 25.34 -5.25 16.87
CA ASP E 48 24.72 -4.84 15.62
C ASP E 48 24.33 -6.07 14.80
N PRO E 49 23.04 -6.42 14.76
CA PRO E 49 22.61 -7.57 13.97
C PRO E 49 22.82 -7.39 12.47
N LEU E 50 22.94 -6.14 12.02
CA LEU E 50 23.10 -5.86 10.60
C LEU E 50 24.55 -5.98 10.16
N LEU E 51 25.45 -5.29 10.86
CA LEU E 51 26.87 -5.39 10.53
C LEU E 51 27.38 -6.82 10.74
N THR E 52 27.11 -7.39 11.91
CA THR E 52 27.44 -8.78 12.18
C THR E 52 26.16 -9.60 12.08
N PRO E 53 26.02 -10.47 11.09
CA PRO E 53 24.75 -11.20 10.91
C PRO E 53 24.39 -12.03 12.13
N VAL E 54 23.11 -12.04 12.46
CA VAL E 54 22.58 -12.80 13.59
C VAL E 54 22.48 -14.26 13.18
N PRO E 55 22.96 -15.20 14.00
CA PRO E 55 22.83 -16.61 13.63
C PRO E 55 21.37 -17.05 13.63
N ALA E 56 21.10 -18.12 12.87
CA ALA E 56 19.73 -18.57 12.68
C ALA E 56 19.25 -19.39 13.87
N SER E 57 19.40 -18.84 15.07
CA SER E 57 18.83 -19.41 16.29
C SER E 57 18.13 -18.31 17.07
N GLU E 58 18.62 -17.07 16.90
CA GLU E 58 18.00 -15.90 17.51
C GLU E 58 17.58 -14.87 16.46
N ASN E 59 17.60 -15.22 15.18
CA ASN E 59 17.19 -14.31 14.13
C ASN E 59 15.70 -14.02 14.27
N PRO E 60 15.30 -12.76 14.46
CA PRO E 60 13.87 -12.47 14.63
C PRO E 60 13.07 -12.59 13.35
N PHE E 61 13.68 -12.39 12.19
CA PHE E 61 12.98 -12.44 10.90
C PHE E 61 13.36 -13.67 10.09
N ARG E 62 13.71 -14.77 10.77
CA ARG E 62 14.09 -15.99 10.08
C ARG E 62 12.92 -16.56 9.29
C1 HAI F . -11.69 -30.35 -32.01
C2 HAI F . -11.53 -28.84 -32.11
C3 HAI F . -12.74 -28.10 -31.52
C4 HAI F . -14.07 -28.60 -32.06
C5 HAI F . -14.20 -30.12 -31.97
C6 HAI F . -13.01 -30.82 -32.62
N HAI F . -10.51 -30.99 -32.57
#